data_7K7H
#
_entry.id   7K7H
#
_cell.length_a   1.00
_cell.length_b   1.00
_cell.length_c   1.00
_cell.angle_alpha   90.00
_cell.angle_beta   90.00
_cell.angle_gamma   90.00
#
_symmetry.space_group_name_H-M   'P 1'
#
loop_
_entity.id
_entity.type
_entity.pdbx_description
1 polymer 'Pertussis like toxin subunit B'
2 polymer 'Fab Light Chain Variable Domain'
3 polymer 'Fab Heavy Chain Variable Domain'
4 polymer 'Pertussis toxin-like subunit ArtA'
#
loop_
_entity_poly.entity_id
_entity_poly.type
_entity_poly.pdbx_seq_one_letter_code
_entity_poly.pdbx_strand_id
1 'polypeptide(L)'
;EWTGDNTNAYYSDEVISELHVGQIDTSPYFCIKTVKANGSGTPVVACAVSKQSIWAPSFKELLDQARYFYSTGQSVRIHV
QKNIWTYPLFVNTFSANALVGLSSCSATQCFGPK
;
A,B,C,D,E
2 'polypeptide(L)'
;DIVMSQSPSSLAVSAGEKVNMSCKSSQSLFNSRTRKNHLAWYQQKPGQSPKLMIYWASTGECVVRDRFTGSGCGTDFTLT
ISSVQDEDRAVYLCKQSHNRALTFGCGTKLEMKR
;
L
3 'polypeptide(L)'
;EIQSQQCGPELVKPGSSVKVSCKASGYAFTNYKALGSKQSHGKSLEWIGYIDPYNSDSSYNQQFKDKATLTVDKSSSTAY
MYLNSLTSEDSAVYYCAGLELTGTLPYWGQGTLVTVSA
;
H
4 'polypeptide(L)' FYDARPVIELILSK G
#
# COMPACT_ATOMS: atom_id res chain seq x y z
N GLU A 1 -18.76 1.23 -18.07
CA GLU A 1 -18.72 1.43 -16.62
C GLU A 1 -17.36 1.99 -16.20
N TRP A 2 -17.36 2.76 -15.12
CA TRP A 2 -16.15 3.38 -14.61
C TRP A 2 -16.19 3.39 -13.09
N THR A 3 -15.00 3.36 -12.48
CA THR A 3 -14.90 3.40 -11.03
C THR A 3 -15.54 4.66 -10.47
N GLY A 4 -15.34 5.80 -11.13
CA GLY A 4 -15.81 7.06 -10.60
C GLY A 4 -17.07 7.60 -11.23
N ASP A 5 -18.04 6.74 -11.50
CA ASP A 5 -19.34 7.20 -11.95
C ASP A 5 -20.08 7.87 -10.80
N ASN A 6 -21.15 8.59 -11.15
CA ASN A 6 -22.02 9.17 -10.14
C ASN A 6 -22.85 8.13 -9.40
N THR A 7 -22.86 6.89 -9.87
CA THR A 7 -23.58 5.81 -9.22
C THR A 7 -22.74 5.07 -8.19
N ASN A 8 -21.44 5.37 -8.11
CA ASN A 8 -20.55 4.75 -7.14
C ASN A 8 -20.39 5.64 -5.92
N ALA A 9 -20.41 5.02 -4.75
CA ALA A 9 -20.16 5.74 -3.50
C ALA A 9 -18.68 5.66 -3.15
N TYR A 10 -18.26 6.52 -2.22
CA TYR A 10 -16.89 6.49 -1.76
C TYR A 10 -16.80 7.04 -0.35
N TYR A 11 -16.03 6.37 0.49
CA TYR A 11 -15.81 6.74 1.89
C TYR A 11 -14.36 7.17 2.04
N SER A 12 -14.15 8.47 2.15
CA SER A 12 -12.80 9.00 2.25
C SER A 12 -12.29 8.92 3.69
N ASP A 13 -10.97 8.86 3.82
CA ASP A 13 -10.29 8.80 5.12
C ASP A 13 -10.76 7.58 5.91
N GLU A 14 -10.45 6.41 5.36
CA GLU A 14 -10.72 5.14 6.00
C GLU A 14 -9.42 4.34 6.13
N VAL A 15 -9.41 3.42 7.09
CA VAL A 15 -8.30 2.51 7.28
C VAL A 15 -8.86 1.09 7.29
N ILE A 16 -8.13 0.17 6.65
CA ILE A 16 -8.55 -1.23 6.57
C ILE A 16 -8.07 -1.95 7.83
N SER A 17 -8.98 -2.65 8.48
CA SER A 17 -8.71 -3.26 9.79
C SER A 17 -8.70 -4.78 9.78
N GLU A 18 -9.59 -5.42 9.02
CA GLU A 18 -9.74 -6.86 9.07
C GLU A 18 -9.93 -7.43 7.68
N LEU A 19 -9.15 -8.45 7.35
CA LEU A 19 -9.16 -9.12 6.07
C LEU A 19 -9.77 -10.52 6.23
N HIS A 20 -10.19 -11.10 5.10
CA HIS A 20 -10.77 -12.43 5.10
C HIS A 20 -10.83 -13.00 3.69
N VAL A 21 -10.34 -14.23 3.51
CA VAL A 21 -10.31 -14.89 2.21
C VAL A 21 -11.09 -16.18 2.30
N GLY A 22 -11.68 -16.60 1.19
CA GLY A 22 -12.39 -17.86 1.13
C GLY A 22 -12.68 -18.31 -0.28
N GLN A 23 -13.86 -18.88 -0.50
CA GLN A 23 -14.31 -19.28 -1.82
C GLN A 23 -15.81 -19.52 -1.78
N ILE A 24 -16.54 -18.95 -2.72
CA ILE A 24 -17.99 -19.08 -2.76
C ILE A 24 -18.42 -19.27 -4.21
N ASP A 25 -19.34 -20.20 -4.44
CA ASP A 25 -19.84 -20.52 -5.77
C ASP A 25 -18.67 -20.90 -6.70
N THR A 26 -17.76 -21.71 -6.19
CA THR A 26 -16.55 -22.16 -6.88
C THR A 26 -15.64 -21.00 -7.27
N SER A 27 -15.87 -19.80 -6.76
CA SER A 27 -15.08 -18.63 -7.05
C SER A 27 -14.43 -18.10 -5.78
N PRO A 28 -13.15 -17.75 -5.82
CA PRO A 28 -12.51 -17.16 -4.63
C PRO A 28 -13.07 -15.79 -4.31
N TYR A 29 -12.99 -15.46 -3.02
CA TYR A 29 -13.49 -14.14 -2.58
C TYR A 29 -12.68 -13.66 -1.38
N PHE A 30 -12.18 -12.44 -1.46
CA PHE A 30 -11.55 -11.77 -0.33
C PHE A 30 -12.52 -10.74 0.25
N CYS A 31 -12.18 -10.21 1.42
CA CYS A 31 -13.05 -9.20 2.02
C CYS A 31 -12.28 -8.38 3.05
N ILE A 32 -12.56 -7.08 3.07
CA ILE A 32 -11.86 -6.14 3.94
C ILE A 32 -12.89 -5.40 4.81
N LYS A 33 -12.40 -4.87 5.93
CA LYS A 33 -13.22 -4.08 6.84
C LYS A 33 -12.52 -2.77 7.12
N THR A 34 -13.28 -1.67 7.09
CA THR A 34 -12.72 -0.33 7.22
C THR A 34 -13.41 0.43 8.33
N VAL A 35 -12.60 1.18 9.09
CA VAL A 35 -13.09 2.09 10.12
C VAL A 35 -12.43 3.44 9.90
N LYS A 36 -13.09 4.49 10.35
CA LYS A 36 -12.54 5.84 10.20
C LYS A 36 -11.21 5.96 10.94
N ALA A 37 -10.25 6.61 10.30
CA ALA A 37 -8.90 6.74 10.85
C ALA A 37 -8.74 7.99 11.71
N ASN A 38 -9.78 8.78 11.89
CA ASN A 38 -9.67 10.06 12.59
C ASN A 38 -10.82 10.23 13.58
N GLY A 39 -11.06 9.21 14.39
CA GLY A 39 -11.83 9.36 15.60
C GLY A 39 -13.12 8.57 15.73
N SER A 40 -13.95 8.55 14.70
CA SER A 40 -15.23 7.87 14.79
C SER A 40 -15.92 7.92 13.43
N GLY A 41 -17.01 7.18 13.34
CA GLY A 41 -17.77 7.08 12.11
C GLY A 41 -18.60 5.79 12.12
N THR A 42 -18.84 5.26 10.92
CA THR A 42 -19.56 4.02 10.76
C THR A 42 -18.69 3.02 10.01
N PRO A 43 -18.46 1.83 10.56
CA PRO A 43 -17.67 0.83 9.84
C PRO A 43 -18.43 0.33 8.62
N VAL A 44 -17.70 0.17 7.52
CA VAL A 44 -18.27 -0.28 6.26
C VAL A 44 -17.48 -1.46 5.75
N VAL A 45 -18.19 -2.50 5.32
CA VAL A 45 -17.59 -3.70 4.72
C VAL A 45 -17.90 -3.71 3.24
N ALA A 46 -16.92 -4.08 2.43
CA ALA A 46 -17.07 -4.09 0.98
C ALA A 46 -16.00 -4.97 0.38
N CYS A 47 -16.39 -5.83 -0.57
CA CYS A 47 -15.45 -6.76 -1.14
C CYS A 47 -16.03 -7.43 -2.38
N ALA A 48 -15.13 -7.97 -3.20
CA ALA A 48 -15.47 -8.46 -4.53
C ALA A 48 -15.12 -9.93 -4.67
N VAL A 49 -15.85 -10.60 -5.56
CA VAL A 49 -15.63 -12.00 -5.89
C VAL A 49 -15.03 -12.06 -7.29
N SER A 50 -14.34 -13.17 -7.59
CA SER A 50 -13.51 -13.25 -8.77
C SER A 50 -14.27 -13.40 -10.08
N LYS A 51 -15.49 -13.93 -10.05
CA LYS A 51 -16.17 -14.26 -11.30
C LYS A 51 -17.66 -13.90 -11.30
N GLN A 52 -18.09 -12.98 -10.46
CA GLN A 52 -19.52 -12.73 -10.28
C GLN A 52 -20.02 -11.49 -11.01
N SER A 53 -19.47 -10.32 -10.71
CA SER A 53 -20.02 -9.06 -11.18
C SER A 53 -19.29 -8.58 -12.44
N ILE A 54 -19.58 -7.35 -12.85
CA ILE A 54 -18.89 -6.74 -13.99
C ILE A 54 -17.52 -6.20 -13.61
N TRP A 55 -17.21 -6.12 -12.32
CA TRP A 55 -15.89 -5.74 -11.85
C TRP A 55 -14.96 -6.94 -11.72
N ALA A 56 -15.34 -8.10 -12.27
CA ALA A 56 -14.51 -9.29 -12.17
C ALA A 56 -13.14 -9.13 -12.83
N PRO A 57 -12.98 -8.46 -13.97
CA PRO A 57 -11.63 -8.29 -14.53
C PRO A 57 -10.65 -7.57 -13.61
N SER A 58 -11.10 -7.06 -12.46
CA SER A 58 -10.24 -6.31 -11.56
C SER A 58 -10.01 -6.99 -10.23
N PHE A 59 -10.50 -8.22 -10.04
CA PHE A 59 -10.33 -8.89 -8.76
C PHE A 59 -8.86 -9.10 -8.42
N LYS A 60 -8.05 -9.43 -9.43
CA LYS A 60 -6.63 -9.69 -9.18
C LYS A 60 -5.88 -8.41 -8.84
N GLU A 61 -6.25 -7.29 -9.47
CA GLU A 61 -5.57 -6.02 -9.21
C GLU A 61 -6.04 -5.37 -7.92
N LEU A 62 -7.28 -5.61 -7.52
CA LEU A 62 -7.80 -5.04 -6.29
C LEU A 62 -7.38 -5.83 -5.06
N LEU A 63 -7.29 -7.16 -5.18
CA LEU A 63 -6.85 -7.98 -4.06
C LEU A 63 -5.38 -7.71 -3.74
N ASP A 64 -4.57 -7.45 -4.76
CA ASP A 64 -3.17 -7.10 -4.52
C ASP A 64 -3.03 -5.69 -3.93
N GLN A 65 -4.03 -4.84 -4.13
CA GLN A 65 -4.00 -3.47 -3.60
C GLN A 65 -4.65 -3.38 -2.23
N ALA A 66 -5.74 -4.11 -2.00
CA ALA A 66 -6.35 -4.14 -0.68
C ALA A 66 -5.43 -4.77 0.36
N ARG A 67 -4.65 -5.77 -0.04
CA ARG A 67 -3.63 -6.32 0.85
C ARG A 67 -2.42 -5.40 0.99
N TYR A 68 -2.28 -4.42 0.09
CA TYR A 68 -1.22 -3.44 0.24
C TYR A 68 -1.59 -2.35 1.23
N PHE A 69 -2.88 -2.00 1.31
CA PHE A 69 -3.35 -0.99 2.24
C PHE A 69 -3.67 -1.56 3.62
N TYR A 70 -4.05 -2.83 3.68
CA TYR A 70 -4.19 -3.50 4.97
C TYR A 70 -2.84 -3.71 5.64
N SER A 71 -1.76 -3.75 4.86
CA SER A 71 -0.44 -4.02 5.40
C SER A 71 0.13 -2.80 6.11
N THR A 72 -0.02 -1.61 5.52
CA THR A 72 0.53 -0.39 6.09
C THR A 72 -0.45 0.35 6.98
N GLY A 73 -1.75 0.06 6.89
CA GLY A 73 -2.72 0.69 7.73
C GLY A 73 -2.84 2.19 7.52
N GLN A 74 -2.87 2.62 6.26
CA GLN A 74 -2.91 4.02 5.90
C GLN A 74 -4.34 4.44 5.55
N SER A 75 -4.53 5.75 5.43
CA SER A 75 -5.82 6.30 5.08
C SER A 75 -6.04 6.17 3.57
N VAL A 76 -7.21 5.64 3.19
CA VAL A 76 -7.54 5.43 1.79
C VAL A 76 -8.99 5.81 1.55
N ARG A 77 -9.28 6.19 0.32
CA ARG A 77 -10.65 6.36 -0.15
C ARG A 77 -11.06 5.11 -0.90
N ILE A 78 -12.17 4.51 -0.48
CA ILE A 78 -12.66 3.27 -1.07
C ILE A 78 -13.90 3.58 -1.89
N HIS A 79 -13.89 3.18 -3.16
CA HIS A 79 -15.06 3.26 -4.02
C HIS A 79 -15.77 1.92 -3.99
N VAL A 80 -17.09 1.97 -3.76
CA VAL A 80 -17.90 0.76 -3.64
C VAL A 80 -19.13 0.91 -4.54
N GLN A 81 -19.86 -0.20 -4.66
CA GLN A 81 -21.16 -0.21 -5.32
C GLN A 81 -22.10 -1.01 -4.43
N LYS A 82 -23.05 -0.33 -3.80
CA LYS A 82 -23.88 -0.97 -2.80
C LYS A 82 -24.89 -1.91 -3.43
N ASN A 83 -25.32 -2.90 -2.66
CA ASN A 83 -26.33 -3.87 -3.05
C ASN A 83 -25.92 -4.62 -4.32
N ILE A 84 -24.83 -5.39 -4.18
CA ILE A 84 -24.32 -6.22 -5.27
C ILE A 84 -24.52 -7.71 -4.97
N TRP A 85 -24.05 -8.18 -3.82
CA TRP A 85 -24.18 -9.58 -3.47
C TRP A 85 -25.55 -9.87 -2.86
N THR A 86 -26.03 -11.09 -3.08
CA THR A 86 -27.38 -11.47 -2.69
C THR A 86 -27.46 -12.72 -1.82
N TYR A 87 -26.34 -13.34 -1.48
CA TYR A 87 -26.36 -14.55 -0.66
C TYR A 87 -26.71 -14.21 0.78
N PRO A 88 -27.88 -14.60 1.28
CA PRO A 88 -28.30 -14.14 2.63
C PRO A 88 -27.35 -14.55 3.73
N LEU A 89 -26.85 -15.79 3.72
CA LEU A 89 -25.95 -16.24 4.77
C LEU A 89 -24.61 -15.51 4.73
N PHE A 90 -24.28 -14.88 3.61
CA PHE A 90 -23.04 -14.14 3.45
C PHE A 90 -23.26 -12.63 3.37
N VAL A 91 -24.42 -12.19 2.89
CA VAL A 91 -24.74 -10.76 2.94
C VAL A 91 -24.92 -10.31 4.38
N ASN A 92 -25.66 -11.08 5.17
CA ASN A 92 -25.85 -10.76 6.58
C ASN A 92 -24.59 -10.97 7.41
N THR A 93 -23.58 -11.63 6.87
CA THR A 93 -22.35 -11.87 7.62
C THR A 93 -21.29 -10.82 7.34
N PHE A 94 -21.14 -10.40 6.08
CA PHE A 94 -20.13 -9.41 5.73
C PHE A 94 -20.74 -8.10 5.26
N SER A 95 -21.47 -8.12 4.15
CA SER A 95 -21.90 -6.88 3.49
C SER A 95 -22.68 -7.18 2.23
N ALA A 96 -23.19 -6.12 1.59
CA ALA A 96 -23.76 -6.22 0.26
C ALA A 96 -23.02 -5.34 -0.75
N ASN A 97 -21.90 -4.76 -0.37
CA ASN A 97 -21.15 -3.86 -1.23
C ASN A 97 -20.13 -4.64 -2.05
N ALA A 98 -19.60 -3.97 -3.08
CA ALA A 98 -18.60 -4.54 -3.97
C ALA A 98 -17.48 -3.54 -4.16
N LEU A 99 -16.26 -3.91 -3.80
CA LEU A 99 -15.12 -3.04 -4.00
C LEU A 99 -14.90 -2.79 -5.48
N VAL A 100 -14.80 -1.52 -5.87
CA VAL A 100 -14.55 -1.14 -7.26
C VAL A 100 -13.36 -0.23 -7.42
N GLY A 101 -12.64 0.10 -6.36
CA GLY A 101 -11.49 0.97 -6.48
C GLY A 101 -10.87 1.21 -5.12
N LEU A 102 -9.63 1.71 -5.15
CA LEU A 102 -8.88 1.97 -3.92
C LEU A 102 -7.96 3.15 -4.18
N SER A 103 -8.40 4.34 -3.81
CA SER A 103 -7.58 5.52 -3.95
C SER A 103 -6.63 5.66 -2.75
N SER A 104 -5.65 6.54 -2.90
CA SER A 104 -4.70 6.83 -1.83
C SER A 104 -4.89 8.29 -1.41
N CYS A 105 -5.35 8.48 -0.18
CA CYS A 105 -5.68 9.81 0.32
C CYS A 105 -4.50 10.44 1.03
N SER A 106 -4.23 11.70 0.70
CA SER A 106 -3.18 12.48 1.34
C SER A 106 -3.66 13.02 2.68
N ALA A 107 -2.94 14.00 3.23
CA ALA A 107 -3.24 14.54 4.55
C ALA A 107 -4.73 14.85 4.71
N THR A 108 -5.25 15.77 3.90
CA THR A 108 -6.66 16.13 3.98
C THR A 108 -7.43 15.91 2.69
N GLN A 109 -6.75 15.78 1.56
CA GLN A 109 -7.40 15.57 0.27
C GLN A 109 -6.98 14.23 -0.30
N CYS A 110 -7.91 13.55 -0.98
CA CYS A 110 -7.64 12.26 -1.58
C CYS A 110 -7.34 12.43 -3.07
N PHE A 111 -6.97 11.32 -3.71
CA PHE A 111 -6.61 11.30 -5.12
C PHE A 111 -7.46 10.26 -5.84
N GLY A 112 -8.51 10.72 -6.50
CA GLY A 112 -9.39 9.86 -7.24
C GLY A 112 -10.63 10.61 -7.67
N PRO A 113 -11.55 9.90 -8.31
CA PRO A 113 -12.82 10.54 -8.68
C PRO A 113 -13.60 10.98 -7.45
N LYS A 114 -14.48 11.96 -7.65
CA LYS A 114 -15.29 12.48 -6.57
C LYS A 114 -16.78 12.41 -6.91
N GLU B 1 -20.54 -23.60 -2.57
CA GLU B 1 -20.11 -23.79 -1.19
C GLU B 1 -19.59 -22.48 -0.61
N TRP B 2 -19.14 -22.54 0.64
CA TRP B 2 -18.59 -21.38 1.32
C TRP B 2 -17.87 -21.87 2.58
N THR B 3 -16.94 -21.06 3.06
CA THR B 3 -16.11 -21.41 4.21
C THR B 3 -16.80 -21.18 5.54
N GLY B 4 -18.12 -21.01 5.55
CA GLY B 4 -18.80 -20.66 6.79
C GLY B 4 -20.14 -21.31 7.01
N ASP B 5 -20.38 -22.46 6.40
CA ASP B 5 -21.60 -23.20 6.63
C ASP B 5 -21.43 -24.15 7.81
N ASN B 6 -22.54 -24.73 8.27
CA ASN B 6 -22.49 -25.67 9.38
C ASN B 6 -21.78 -26.96 9.00
N THR B 7 -21.75 -27.30 7.72
CA THR B 7 -20.99 -28.47 7.26
C THR B 7 -19.50 -28.26 7.37
N ASN B 8 -19.04 -27.03 7.59
CA ASN B 8 -17.64 -26.72 7.79
C ASN B 8 -17.34 -26.63 9.28
N ALA B 9 -16.15 -26.17 9.62
CA ALA B 9 -15.75 -25.97 11.00
C ALA B 9 -14.55 -25.03 11.04
N TYR B 10 -14.36 -24.37 12.17
CA TYR B 10 -13.28 -23.42 12.32
C TYR B 10 -12.67 -23.55 13.70
N TYR B 11 -11.56 -22.83 13.90
CA TYR B 11 -10.90 -22.74 15.19
C TYR B 11 -10.47 -21.29 15.35
N SER B 12 -11.23 -20.52 16.12
CA SER B 12 -11.03 -19.09 16.23
C SER B 12 -9.84 -18.78 17.13
N ASP B 13 -9.39 -17.52 17.07
CA ASP B 13 -8.29 -16.99 17.87
C ASP B 13 -6.95 -17.70 17.59
N GLU B 14 -6.89 -18.53 16.55
CA GLU B 14 -5.69 -19.31 16.28
C GLU B 14 -4.61 -18.42 15.66
N VAL B 15 -3.40 -18.99 15.55
CA VAL B 15 -2.26 -18.32 14.93
C VAL B 15 -1.53 -19.35 14.07
N ILE B 16 -1.28 -19.00 12.81
CA ILE B 16 -0.57 -19.89 11.90
C ILE B 16 0.83 -20.11 12.40
N SER B 17 1.14 -21.34 12.80
CA SER B 17 2.43 -21.67 13.39
C SER B 17 3.40 -22.29 12.39
N GLU B 18 2.91 -23.10 11.45
CA GLU B 18 3.76 -23.78 10.49
C GLU B 18 3.09 -23.79 9.13
N LEU B 19 3.89 -23.98 8.09
CA LEU B 19 3.41 -23.97 6.72
C LEU B 19 4.32 -24.86 5.88
N HIS B 20 3.70 -25.66 5.01
CA HIS B 20 4.42 -26.66 4.24
C HIS B 20 3.82 -26.74 2.84
N VAL B 21 4.61 -26.44 1.82
CA VAL B 21 4.19 -26.57 0.43
C VAL B 21 5.01 -27.68 -0.23
N GLY B 22 4.35 -28.49 -1.02
CA GLY B 22 5.01 -29.60 -1.70
C GLY B 22 4.26 -29.96 -2.96
N GLN B 23 4.39 -31.21 -3.38
CA GLN B 23 3.70 -31.69 -4.58
C GLN B 23 3.25 -33.12 -4.36
N ILE B 24 1.96 -33.39 -4.55
CA ILE B 24 1.40 -34.72 -4.46
C ILE B 24 0.54 -34.99 -5.69
N ASP B 25 0.84 -36.09 -6.39
CA ASP B 25 0.04 -36.55 -7.53
C ASP B 25 -0.07 -35.47 -8.61
N THR B 26 1.10 -35.02 -9.06
CA THR B 26 1.21 -34.01 -10.12
C THR B 26 0.36 -32.78 -9.81
N SER B 27 0.46 -32.31 -8.57
CA SER B 27 -0.31 -31.17 -8.11
C SER B 27 0.30 -30.59 -6.85
N PRO B 28 0.51 -29.28 -6.79
CA PRO B 28 1.02 -28.67 -5.56
C PRO B 28 -0.05 -28.59 -4.50
N TYR B 29 0.39 -28.40 -3.26
CA TYR B 29 -0.51 -28.30 -2.12
C TYR B 29 0.23 -27.60 -0.99
N PHE B 30 -0.53 -27.10 -0.03
CA PHE B 30 0.05 -26.48 1.15
C PHE B 30 -0.81 -26.78 2.37
N CYS B 31 -0.16 -26.80 3.52
CA CYS B 31 -0.81 -27.17 4.78
C CYS B 31 -0.28 -26.28 5.89
N ILE B 32 -1.12 -26.02 6.89
CA ILE B 32 -0.75 -25.22 8.05
C ILE B 32 -1.23 -25.93 9.31
N LYS B 33 -0.45 -25.80 10.38
CA LYS B 33 -0.85 -26.23 11.71
C LYS B 33 -1.02 -25.00 12.58
N THR B 34 -2.10 -24.96 13.36
CA THR B 34 -2.51 -23.76 14.07
C THR B 34 -2.46 -24.02 15.57
N VAL B 35 -1.64 -23.23 16.27
CA VAL B 35 -1.55 -23.27 17.72
C VAL B 35 -1.89 -21.89 18.25
N LYS B 36 -2.41 -21.86 19.48
CA LYS B 36 -2.81 -20.60 20.10
C LYS B 36 -1.59 -19.72 20.35
N ALA B 37 -1.85 -18.50 20.85
CA ALA B 37 -0.80 -17.57 21.21
C ALA B 37 -0.63 -17.47 22.73
N ASN B 38 -1.12 -18.47 23.47
CA ASN B 38 -0.99 -18.46 24.93
C ASN B 38 -0.63 -19.83 25.50
N GLY B 39 -0.29 -20.81 24.66
CA GLY B 39 0.00 -22.14 25.14
C GLY B 39 -1.22 -22.86 25.68
N SER B 40 -2.15 -23.19 24.79
CA SER B 40 -3.39 -23.84 25.20
C SER B 40 -3.93 -24.67 24.04
N GLY B 41 -4.80 -25.63 24.38
CA GLY B 41 -5.47 -26.44 23.39
C GLY B 41 -4.56 -27.35 22.59
N THR B 42 -5.14 -28.10 21.66
CA THR B 42 -4.42 -28.98 20.76
C THR B 42 -4.32 -28.35 19.37
N PRO B 43 -3.15 -28.43 18.75
CA PRO B 43 -2.98 -27.82 17.43
C PRO B 43 -3.92 -28.41 16.39
N VAL B 44 -4.36 -27.57 15.46
CA VAL B 44 -5.29 -27.94 14.40
C VAL B 44 -4.58 -27.78 13.08
N VAL B 45 -4.60 -28.85 12.26
CA VAL B 45 -3.88 -28.88 10.99
C VAL B 45 -4.88 -28.89 9.85
N ALA B 46 -4.67 -28.03 8.87
CA ALA B 46 -5.49 -27.94 7.68
C ALA B 46 -4.62 -28.11 6.45
N CYS B 47 -5.26 -28.41 5.32
CA CYS B 47 -4.55 -28.62 4.07
C CYS B 47 -5.40 -28.10 2.92
N ALA B 48 -4.76 -27.97 1.75
CA ALA B 48 -5.47 -27.58 0.54
C ALA B 48 -4.62 -27.97 -0.66
N VAL B 49 -5.21 -28.70 -1.61
CA VAL B 49 -4.51 -29.21 -2.77
C VAL B 49 -4.96 -28.45 -4.00
N SER B 50 -4.02 -28.24 -4.94
CA SER B 50 -4.26 -27.33 -6.06
C SER B 50 -5.38 -27.83 -6.97
N LYS B 51 -5.42 -29.14 -7.25
CA LYS B 51 -6.41 -29.63 -8.20
C LYS B 51 -7.03 -30.96 -7.78
N GLN B 52 -6.94 -31.32 -6.50
CA GLN B 52 -7.48 -32.58 -6.01
C GLN B 52 -8.48 -32.36 -4.88
N SER B 53 -9.36 -31.37 -5.07
CA SER B 53 -10.40 -31.08 -4.10
C SER B 53 -11.39 -30.12 -4.76
N ILE B 54 -12.42 -29.74 -4.00
CA ILE B 54 -13.32 -28.68 -4.45
C ILE B 54 -12.79 -27.30 -4.10
N TRP B 55 -11.78 -27.22 -3.23
CA TRP B 55 -11.11 -25.95 -2.94
C TRP B 55 -9.88 -25.79 -3.84
N ALA B 56 -10.08 -26.04 -5.13
CA ALA B 56 -9.06 -25.93 -6.15
C ALA B 56 -8.87 -24.50 -6.66
N PRO B 57 -9.95 -23.78 -7.04
CA PRO B 57 -9.73 -22.44 -7.63
C PRO B 57 -9.10 -21.44 -6.68
N SER B 58 -9.46 -21.50 -5.40
CA SER B 58 -8.93 -20.57 -4.41
C SER B 58 -7.60 -21.01 -3.83
N PHE B 59 -6.86 -21.90 -4.51
CA PHE B 59 -5.57 -22.32 -3.99
C PHE B 59 -4.57 -21.18 -4.00
N LYS B 60 -4.56 -20.38 -5.08
CA LYS B 60 -3.59 -19.30 -5.18
C LYS B 60 -3.94 -18.15 -4.25
N GLU B 61 -5.24 -17.87 -4.05
CA GLU B 61 -5.63 -16.81 -3.14
C GLU B 61 -5.33 -17.20 -1.70
N LEU B 62 -5.66 -18.44 -1.31
CA LEU B 62 -5.39 -18.89 0.06
C LEU B 62 -3.90 -18.98 0.33
N LEU B 63 -3.09 -19.34 -0.67
CA LEU B 63 -1.65 -19.39 -0.47
C LEU B 63 -1.08 -17.99 -0.28
N ASP B 64 -1.65 -16.98 -0.94
CA ASP B 64 -1.21 -15.61 -0.72
C ASP B 64 -1.51 -15.15 0.71
N GLN B 65 -2.66 -15.56 1.24
CA GLN B 65 -3.05 -15.11 2.58
C GLN B 65 -2.40 -15.94 3.66
N ALA B 66 -2.40 -17.28 3.50
CA ALA B 66 -1.76 -18.14 4.48
C ALA B 66 -0.27 -17.85 4.61
N ARG B 67 0.34 -17.26 3.58
CA ARG B 67 1.73 -16.81 3.66
C ARG B 67 1.84 -15.37 4.16
N TYR B 68 0.74 -14.62 4.20
CA TYR B 68 0.75 -13.28 4.76
C TYR B 68 0.47 -13.30 6.26
N PHE B 69 -0.62 -13.97 6.66
CA PHE B 69 -0.92 -14.12 8.07
C PHE B 69 0.15 -14.91 8.81
N TYR B 70 0.92 -15.73 8.10
CA TYR B 70 2.04 -16.44 8.71
C TYR B 70 3.20 -15.52 9.03
N SER B 71 3.30 -14.39 8.33
CA SER B 71 4.39 -13.44 8.55
C SER B 71 4.03 -12.35 9.55
N THR B 72 2.78 -11.94 9.60
CA THR B 72 2.34 -10.93 10.57
C THR B 72 2.12 -11.50 11.96
N GLY B 73 1.95 -12.82 12.08
CA GLY B 73 1.79 -13.45 13.37
C GLY B 73 0.54 -13.09 14.12
N GLN B 74 -0.39 -12.35 13.52
CA GLN B 74 -1.59 -11.95 14.23
C GLN B 74 -2.51 -13.14 14.45
N SER B 75 -3.46 -12.97 15.37
CA SER B 75 -4.44 -14.00 15.65
C SER B 75 -5.39 -14.15 14.46
N VAL B 76 -5.54 -15.37 13.96
CA VAL B 76 -6.26 -15.65 12.73
C VAL B 76 -7.33 -16.69 13.03
N ARG B 77 -8.57 -16.43 12.60
CA ARG B 77 -9.65 -17.41 12.68
C ARG B 77 -9.59 -18.27 11.43
N ILE B 78 -9.18 -19.52 11.58
CA ILE B 78 -8.88 -20.40 10.46
C ILE B 78 -9.97 -21.46 10.36
N HIS B 79 -10.59 -21.55 9.19
CA HIS B 79 -11.71 -22.44 8.92
C HIS B 79 -11.22 -23.69 8.22
N VAL B 80 -11.97 -24.77 8.37
CA VAL B 80 -11.64 -26.07 7.79
C VAL B 80 -12.93 -26.75 7.33
N GLN B 81 -12.76 -27.95 6.76
CA GLN B 81 -13.86 -28.84 6.43
C GLN B 81 -13.36 -30.26 6.63
N LYS B 82 -14.09 -31.03 7.44
CA LYS B 82 -13.57 -32.31 7.91
C LYS B 82 -13.83 -33.42 6.90
N ASN B 83 -12.89 -34.37 6.85
CA ASN B 83 -13.01 -35.62 6.08
C ASN B 83 -13.25 -35.34 4.60
N ILE B 84 -12.23 -34.75 3.97
CA ILE B 84 -12.28 -34.43 2.55
C ILE B 84 -11.21 -35.21 1.79
N TRP B 85 -10.14 -35.60 2.48
CA TRP B 85 -9.07 -36.34 1.84
C TRP B 85 -9.29 -37.84 1.96
N THR B 86 -8.56 -38.61 1.16
CA THR B 86 -8.70 -40.05 1.13
C THR B 86 -7.39 -40.82 1.18
N TYR B 87 -6.26 -40.21 0.83
CA TYR B 87 -4.98 -40.90 0.84
C TYR B 87 -4.63 -41.34 2.26
N PRO B 88 -4.49 -42.64 2.52
CA PRO B 88 -4.34 -43.09 3.92
C PRO B 88 -3.06 -42.62 4.57
N LEU B 89 -1.92 -42.65 3.86
CA LEU B 89 -0.66 -42.25 4.48
C LEU B 89 -0.52 -40.74 4.56
N PHE B 90 -1.11 -40.01 3.62
CA PHE B 90 -1.07 -38.55 3.65
C PHE B 90 -1.72 -38.01 4.92
N VAL B 91 -2.79 -38.66 5.39
CA VAL B 91 -3.48 -38.20 6.59
C VAL B 91 -2.65 -38.51 7.83
N ASN B 92 -1.88 -39.60 7.83
CA ASN B 92 -1.12 -39.97 9.01
C ASN B 92 0.05 -39.03 9.30
N THR B 93 0.25 -37.99 8.52
CA THR B 93 1.37 -37.10 8.81
C THR B 93 0.97 -35.64 8.94
N PHE B 94 -0.01 -35.18 8.16
CA PHE B 94 -0.44 -33.79 8.27
C PHE B 94 -1.87 -33.65 8.78
N SER B 95 -2.86 -34.17 8.05
CA SER B 95 -4.26 -33.91 8.40
C SER B 95 -5.25 -34.62 7.49
N ALA B 96 -6.54 -34.49 7.80
CA ALA B 96 -7.62 -34.96 6.94
C ALA B 96 -8.59 -33.85 6.56
N ASN B 97 -8.53 -32.69 7.20
CA ASN B 97 -9.44 -31.59 6.93
C ASN B 97 -8.85 -30.66 5.88
N ALA B 98 -9.72 -29.86 5.27
CA ALA B 98 -9.31 -28.92 4.24
C ALA B 98 -9.06 -27.55 4.83
N LEU B 99 -8.38 -26.70 4.06
CA LEU B 99 -8.20 -25.29 4.39
C LEU B 99 -9.09 -24.49 3.45
N VAL B 100 -10.03 -23.73 4.03
CA VAL B 100 -11.07 -23.11 3.21
C VAL B 100 -11.00 -21.59 3.30
N GLY B 101 -10.54 -21.05 4.43
CA GLY B 101 -10.60 -19.62 4.61
C GLY B 101 -9.62 -19.16 5.67
N LEU B 102 -9.46 -17.84 5.74
CA LEU B 102 -8.49 -17.23 6.67
C LEU B 102 -9.00 -15.84 7.02
N SER B 103 -9.64 -15.71 8.18
CA SER B 103 -10.14 -14.42 8.64
C SER B 103 -9.04 -13.66 9.37
N SER B 104 -9.42 -12.55 10.01
CA SER B 104 -8.51 -11.76 10.83
C SER B 104 -9.23 -11.48 12.15
N CYS B 105 -9.00 -12.33 13.13
CA CYS B 105 -9.71 -12.24 14.40
C CYS B 105 -9.17 -11.08 15.24
N SER B 106 -10.08 -10.33 15.85
CA SER B 106 -9.73 -9.25 16.76
C SER B 106 -9.86 -9.72 18.21
N ALA B 107 -9.34 -8.89 19.12
CA ALA B 107 -9.31 -9.28 20.53
C ALA B 107 -10.72 -9.42 21.10
N THR B 108 -11.69 -8.71 20.54
CA THR B 108 -13.07 -8.75 21.02
C THR B 108 -13.98 -9.53 20.08
N GLN B 109 -14.04 -9.16 18.81
CA GLN B 109 -14.87 -9.83 17.82
C GLN B 109 -14.01 -10.61 16.85
N CYS B 110 -14.65 -11.22 15.87
CA CYS B 110 -13.98 -12.06 14.87
C CYS B 110 -14.62 -11.80 13.52
N PHE B 111 -13.93 -11.06 12.65
CA PHE B 111 -14.45 -10.75 11.31
C PHE B 111 -14.35 -12.00 10.45
N GLY B 112 -15.38 -12.83 10.56
CA GLY B 112 -15.45 -14.06 9.80
C GLY B 112 -16.75 -14.78 10.02
N PRO B 113 -16.98 -15.87 9.28
CA PRO B 113 -18.23 -16.62 9.42
C PRO B 113 -18.25 -17.45 10.69
N LYS B 114 -19.42 -17.48 11.33
CA LYS B 114 -19.64 -18.28 12.53
C LYS B 114 -21.13 -18.45 12.79
N GLU C 1 7.31 1.17 -31.41
CA GLU C 1 7.35 2.26 -30.45
C GLU C 1 8.46 2.05 -29.43
N TRP C 2 8.66 3.04 -28.57
CA TRP C 2 9.70 3.00 -27.56
C TRP C 2 9.43 4.10 -26.55
N THR C 3 9.89 3.88 -25.31
CA THR C 3 9.67 4.88 -24.27
C THR C 3 10.37 6.19 -24.60
N GLY C 4 11.58 6.11 -25.14
CA GLY C 4 12.38 7.29 -25.39
C GLY C 4 12.39 7.78 -26.82
N ASP C 5 11.22 7.77 -27.47
CA ASP C 5 11.09 8.34 -28.79
C ASP C 5 11.32 9.83 -28.76
N ASN C 6 11.34 10.48 -29.92
CA ASN C 6 11.41 11.93 -29.96
C ASN C 6 10.06 12.60 -29.78
N THR C 7 8.98 11.80 -29.70
CA THR C 7 7.63 12.32 -29.51
C THR C 7 7.11 12.07 -28.09
N ASN C 8 8.01 11.81 -27.14
CA ASN C 8 7.65 11.54 -25.76
C ASN C 8 8.04 12.73 -24.88
N ALA C 9 7.85 12.57 -23.58
CA ALA C 9 8.23 13.59 -22.60
C ALA C 9 8.81 12.89 -21.38
N TYR C 10 9.45 13.68 -20.52
CA TYR C 10 10.10 13.13 -19.35
C TYR C 10 10.18 14.19 -18.26
N TYR C 11 9.95 13.77 -17.02
CA TYR C 11 9.91 14.66 -15.86
C TYR C 11 10.86 14.10 -14.81
N SER C 12 12.11 14.52 -14.86
CA SER C 12 13.09 14.04 -13.88
C SER C 12 12.87 14.71 -12.54
N ASP C 13 13.29 14.02 -11.48
CA ASP C 13 13.21 14.50 -10.11
C ASP C 13 11.76 14.72 -9.67
N GLU C 14 10.88 13.79 -10.05
CA GLU C 14 9.51 13.77 -9.57
C GLU C 14 9.35 12.68 -8.52
N VAL C 15 8.17 12.65 -7.89
CA VAL C 15 7.89 11.70 -6.83
C VAL C 15 6.46 11.22 -6.97
N ILE C 16 6.27 9.89 -7.00
CA ILE C 16 4.94 9.32 -7.06
C ILE C 16 4.30 9.46 -5.69
N SER C 17 3.45 10.48 -5.53
CA SER C 17 2.90 10.79 -4.22
C SER C 17 1.58 10.09 -3.94
N GLU C 18 0.87 9.64 -4.96
CA GLU C 18 -0.40 8.97 -4.75
C GLU C 18 -0.56 7.85 -5.78
N LEU C 19 -1.64 7.08 -5.63
CA LEU C 19 -1.85 5.88 -6.42
C LEU C 19 -3.30 5.47 -6.32
N HIS C 20 -3.95 5.25 -7.46
CA HIS C 20 -5.36 4.89 -7.51
C HIS C 20 -5.53 3.76 -8.51
N VAL C 21 -5.92 2.58 -8.02
CA VAL C 21 -6.20 1.43 -8.86
C VAL C 21 -7.71 1.32 -9.05
N GLY C 22 -8.14 1.06 -10.27
CA GLY C 22 -9.56 0.94 -10.56
C GLY C 22 -9.86 0.13 -11.80
N GLN C 23 -10.86 0.54 -12.57
CA GLN C 23 -11.24 -0.18 -13.78
C GLN C 23 -12.12 0.70 -14.64
N ILE C 24 -11.88 0.67 -15.95
CA ILE C 24 -12.69 1.40 -16.92
C ILE C 24 -12.84 0.55 -18.17
N ASP C 25 -14.08 0.36 -18.61
CA ASP C 25 -14.39 -0.41 -19.82
C ASP C 25 -13.86 -1.84 -19.73
N THR C 26 -14.21 -2.52 -18.62
CA THR C 26 -13.77 -3.89 -18.35
C THR C 26 -12.25 -4.04 -18.53
N SER C 27 -11.51 -3.08 -18.00
CA SER C 27 -10.07 -3.03 -18.18
C SER C 27 -9.42 -2.31 -17.00
N PRO C 28 -8.73 -3.01 -16.05
CA PRO C 28 -8.19 -2.33 -14.87
C PRO C 28 -7.22 -1.20 -15.25
N TYR C 29 -7.39 -0.03 -14.63
CA TYR C 29 -6.45 1.08 -14.90
C TYR C 29 -5.77 1.47 -13.59
N PHE C 30 -4.64 2.17 -13.68
CA PHE C 30 -3.98 2.70 -12.45
C PHE C 30 -3.39 4.06 -12.80
N CYS C 31 -3.58 5.05 -11.92
CA CYS C 31 -3.00 6.37 -12.12
C CYS C 31 -2.01 6.68 -11.01
N ILE C 32 -1.15 7.64 -11.27
CA ILE C 32 -0.14 8.08 -10.32
C ILE C 32 -0.01 9.60 -10.42
N LYS C 33 0.04 10.26 -9.27
CA LYS C 33 0.24 11.70 -9.21
C LYS C 33 1.70 11.97 -8.86
N THR C 34 2.37 12.75 -9.70
CA THR C 34 3.80 13.02 -9.54
C THR C 34 3.98 14.48 -9.14
N VAL C 35 4.41 14.69 -7.90
CA VAL C 35 4.79 16.01 -7.41
C VAL C 35 6.30 16.11 -7.45
N LYS C 36 6.80 17.33 -7.66
CA LYS C 36 8.24 17.54 -7.75
C LYS C 36 8.91 17.15 -6.44
N ALA C 37 10.18 16.70 -6.56
CA ALA C 37 10.92 16.26 -5.38
C ALA C 37 11.18 17.40 -4.40
N ASN C 38 10.96 18.65 -4.79
CA ASN C 38 11.11 19.79 -3.90
C ASN C 38 9.79 20.55 -3.72
N GLY C 39 8.67 19.92 -4.03
CA GLY C 39 7.36 20.52 -3.82
C GLY C 39 6.97 21.59 -4.81
N SER C 40 7.84 21.94 -5.76
CA SER C 40 7.54 22.98 -6.74
C SER C 40 6.72 22.38 -7.88
N GLY C 41 6.56 23.15 -8.95
CA GLY C 41 5.86 22.66 -10.13
C GLY C 41 4.38 22.43 -9.89
N THR C 42 3.78 21.69 -10.83
CA THR C 42 2.37 21.36 -10.82
C THR C 42 2.18 19.84 -10.79
N PRO C 43 1.12 19.35 -10.16
CA PRO C 43 0.87 17.90 -10.14
C PRO C 43 0.69 17.32 -11.53
N VAL C 44 1.63 16.47 -11.94
CA VAL C 44 1.57 15.80 -13.24
C VAL C 44 1.04 14.38 -13.02
N VAL C 45 -0.08 14.08 -13.68
CA VAL C 45 -0.73 12.78 -13.59
C VAL C 45 -0.56 12.05 -14.91
N ALA C 46 -0.44 10.73 -14.84
CA ALA C 46 -0.30 9.89 -16.03
C ALA C 46 -0.81 8.51 -15.70
N CYS C 47 -1.96 8.14 -16.26
CA CYS C 47 -2.57 6.85 -15.99
C CYS C 47 -2.01 5.78 -16.93
N ALA C 48 -2.58 4.57 -16.84
CA ALA C 48 -2.21 3.46 -17.70
C ALA C 48 -3.35 2.46 -17.69
N VAL C 49 -3.77 2.01 -18.87
CA VAL C 49 -4.88 1.09 -18.99
C VAL C 49 -4.35 -0.23 -19.55
N SER C 50 -5.04 -1.32 -19.21
CA SER C 50 -4.51 -2.65 -19.46
C SER C 50 -4.68 -3.07 -20.92
N LYS C 51 -5.79 -2.71 -21.56
CA LYS C 51 -6.06 -3.18 -22.91
C LYS C 51 -6.69 -2.09 -23.77
N GLN C 52 -6.16 -0.87 -23.70
CA GLN C 52 -6.73 0.22 -24.49
C GLN C 52 -5.77 0.78 -25.53
N SER C 53 -4.58 1.20 -25.13
CA SER C 53 -3.67 1.88 -26.03
C SER C 53 -2.73 0.88 -26.71
N ILE C 54 -1.72 1.39 -27.41
CA ILE C 54 -0.67 0.53 -27.97
C ILE C 54 0.43 0.23 -26.96
N TRP C 55 0.36 0.83 -25.77
CA TRP C 55 1.26 0.50 -24.67
C TRP C 55 0.64 -0.49 -23.70
N ALA C 56 -0.42 -1.16 -24.11
CA ALA C 56 -1.08 -2.13 -23.26
C ALA C 56 -0.23 -3.35 -22.89
N PRO C 57 0.67 -3.87 -23.74
CA PRO C 57 1.43 -5.07 -23.34
C PRO C 57 2.34 -4.91 -22.13
N SER C 58 2.37 -3.72 -21.53
CA SER C 58 3.22 -3.45 -20.37
C SER C 58 2.41 -2.89 -19.21
N PHE C 59 1.20 -3.39 -19.00
CA PHE C 59 0.41 -2.92 -17.87
C PHE C 59 0.89 -3.52 -16.56
N LYS C 60 0.98 -4.85 -16.50
CA LYS C 60 1.39 -5.52 -15.27
C LYS C 60 2.83 -5.20 -14.88
N GLU C 61 3.67 -4.82 -15.84
CA GLU C 61 5.04 -4.43 -15.51
C GLU C 61 5.10 -3.03 -14.94
N LEU C 62 4.18 -2.16 -15.32
CA LEU C 62 4.13 -0.80 -14.80
C LEU C 62 3.30 -0.68 -13.53
N LEU C 63 2.34 -1.58 -13.33
CA LEU C 63 1.56 -1.56 -12.09
C LEU C 63 2.41 -2.03 -10.90
N ASP C 64 3.23 -3.06 -11.11
CA ASP C 64 4.10 -3.55 -10.05
C ASP C 64 5.30 -2.65 -9.82
N GLN C 65 5.70 -1.87 -10.81
CA GLN C 65 6.84 -0.97 -10.66
C GLN C 65 6.43 0.36 -10.03
N ALA C 66 5.24 0.86 -10.36
CA ALA C 66 4.74 2.05 -9.69
C ALA C 66 4.43 1.76 -8.23
N ARG C 67 3.83 0.61 -7.95
CA ARG C 67 3.49 0.24 -6.57
C ARG C 67 4.72 0.05 -5.71
N TYR C 68 5.88 -0.20 -6.31
CA TYR C 68 7.12 -0.28 -5.55
C TYR C 68 7.82 1.07 -5.45
N PHE C 69 7.73 1.89 -6.51
CA PHE C 69 8.27 3.25 -6.45
C PHE C 69 7.39 4.17 -5.63
N TYR C 70 6.14 3.78 -5.36
CA TYR C 70 5.28 4.54 -4.47
C TYR C 70 5.55 4.22 -3.01
N SER C 71 5.97 2.99 -2.72
CA SER C 71 6.29 2.62 -1.35
C SER C 71 7.57 3.31 -0.89
N THR C 72 8.65 3.17 -1.66
CA THR C 72 9.90 3.79 -1.30
C THR C 72 9.87 5.30 -1.41
N GLY C 73 8.95 5.85 -2.21
CA GLY C 73 8.81 7.28 -2.32
C GLY C 73 10.03 8.01 -2.85
N GLN C 74 10.89 7.32 -3.59
CA GLN C 74 12.12 7.93 -4.08
C GLN C 74 11.84 8.73 -5.34
N SER C 75 12.88 9.39 -5.86
CA SER C 75 12.76 10.21 -7.06
C SER C 75 12.95 9.36 -8.31
N VAL C 76 12.14 9.64 -9.32
CA VAL C 76 12.09 8.87 -10.55
C VAL C 76 11.93 9.82 -11.73
N ARG C 77 11.83 9.25 -12.92
CA ARG C 77 11.46 9.99 -14.13
C ARG C 77 10.30 9.26 -14.80
N ILE C 78 9.18 9.94 -14.96
CA ILE C 78 7.97 9.36 -15.54
C ILE C 78 7.86 9.81 -17.00
N HIS C 79 7.87 8.85 -17.91
CA HIS C 79 7.72 9.11 -19.33
C HIS C 79 6.24 9.12 -19.69
N VAL C 80 5.81 10.15 -20.41
CA VAL C 80 4.41 10.32 -20.76
C VAL C 80 4.30 10.55 -22.26
N GLN C 81 3.22 10.03 -22.85
CA GLN C 81 2.84 10.32 -24.23
C GLN C 81 1.45 10.92 -24.16
N LYS C 82 1.37 12.23 -24.35
CA LYS C 82 0.13 12.97 -24.10
C LYS C 82 -0.89 12.71 -25.21
N ASN C 83 -2.13 13.09 -24.94
CA ASN C 83 -3.24 13.02 -25.90
C ASN C 83 -3.44 11.58 -26.39
N ILE C 84 -3.79 10.70 -25.46
CA ILE C 84 -4.07 9.31 -25.79
C ILE C 84 -5.54 8.99 -25.51
N TRP C 85 -5.95 9.13 -24.25
CA TRP C 85 -7.31 8.79 -23.84
C TRP C 85 -8.18 10.03 -23.91
N THR C 86 -9.38 9.87 -24.49
CA THR C 86 -10.25 11.00 -24.81
C THR C 86 -11.51 11.05 -23.95
N TYR C 87 -11.67 10.15 -22.99
CA TYR C 87 -12.80 10.18 -22.08
C TYR C 87 -12.75 11.47 -21.26
N PRO C 88 -13.71 12.38 -21.45
CA PRO C 88 -13.59 13.71 -20.82
C PRO C 88 -13.61 13.66 -19.30
N LEU C 89 -14.49 12.87 -18.71
CA LEU C 89 -14.50 12.73 -17.25
C LEU C 89 -13.18 12.16 -16.74
N PHE C 90 -12.61 11.21 -17.49
CA PHE C 90 -11.32 10.65 -17.11
C PHE C 90 -10.20 11.68 -17.23
N VAL C 91 -10.31 12.59 -18.18
CA VAL C 91 -9.22 13.55 -18.43
C VAL C 91 -9.22 14.64 -17.38
N ASN C 92 -10.37 15.27 -17.14
CA ASN C 92 -10.44 16.33 -16.14
C ASN C 92 -10.26 15.81 -14.73
N THR C 93 -10.56 14.53 -14.49
CA THR C 93 -10.35 13.95 -13.16
C THR C 93 -8.91 13.54 -12.96
N PHE C 94 -8.29 12.89 -13.94
CA PHE C 94 -6.93 12.36 -13.78
C PHE C 94 -5.92 13.09 -14.66
N SER C 95 -6.03 12.97 -15.99
CA SER C 95 -4.98 13.45 -16.87
C SER C 95 -5.34 13.15 -18.32
N ALA C 96 -4.53 13.68 -19.22
CA ALA C 96 -4.54 13.29 -20.63
C ALA C 96 -3.26 12.60 -21.05
N ASN C 97 -2.28 12.49 -20.14
CA ASN C 97 -1.00 11.87 -20.46
C ASN C 97 -1.16 10.35 -20.46
N ALA C 98 -0.04 9.64 -20.54
CA ALA C 98 -0.06 8.17 -20.59
C ALA C 98 1.28 7.66 -20.10
N LEU C 99 1.25 6.86 -19.03
CA LEU C 99 2.49 6.31 -18.48
C LEU C 99 3.08 5.30 -19.46
N VAL C 100 4.30 5.59 -19.92
CA VAL C 100 4.96 4.72 -20.90
C VAL C 100 6.37 4.35 -20.42
N GLY C 101 6.56 4.31 -19.12
CA GLY C 101 7.86 3.93 -18.58
C GLY C 101 8.12 4.62 -17.26
N LEU C 102 9.02 4.03 -16.48
CA LEU C 102 9.36 4.56 -15.17
C LEU C 102 10.83 4.27 -14.90
N SER C 103 11.65 5.32 -14.92
CA SER C 103 13.08 5.19 -14.71
C SER C 103 13.40 5.34 -13.22
N SER C 104 14.68 5.45 -12.89
CA SER C 104 15.12 5.55 -11.51
C SER C 104 16.16 6.65 -11.41
N CYS C 105 15.78 7.78 -10.81
CA CYS C 105 16.69 8.90 -10.67
C CYS C 105 17.79 8.58 -9.66
N SER C 106 18.94 9.21 -9.85
CA SER C 106 20.12 8.98 -9.02
C SER C 106 20.59 10.31 -8.43
N ALA C 107 21.71 10.23 -7.70
CA ALA C 107 22.27 11.43 -7.08
C ALA C 107 22.78 12.42 -8.12
N THR C 108 23.21 11.92 -9.29
CA THR C 108 23.75 12.77 -10.34
C THR C 108 22.67 13.16 -11.35
N GLN C 109 22.06 12.15 -11.99
CA GLN C 109 21.00 12.39 -12.97
C GLN C 109 20.30 11.05 -13.22
N CYS C 110 19.18 11.12 -13.92
CA CYS C 110 18.35 9.95 -14.12
C CYS C 110 18.91 9.05 -15.21
N PHE C 111 18.73 7.74 -15.04
CA PHE C 111 19.12 6.73 -16.02
C PHE C 111 17.91 6.37 -16.86
N GLY C 112 18.05 6.53 -18.18
CA GLY C 112 16.97 6.21 -19.09
C GLY C 112 17.05 7.03 -20.35
N PRO C 113 16.10 6.82 -21.26
CA PRO C 113 16.14 7.50 -22.56
C PRO C 113 15.79 8.97 -22.41
N LYS C 114 16.74 9.83 -22.78
CA LYS C 114 16.55 11.28 -22.71
C LYS C 114 15.53 11.74 -23.75
N GLU D 1 20.67 -23.86 -25.27
CA GLU D 1 21.41 -22.77 -24.66
C GLU D 1 21.32 -22.82 -23.13
N TRP D 2 22.40 -22.43 -22.47
CA TRP D 2 22.48 -22.46 -21.01
C TRP D 2 22.95 -21.10 -20.52
N THR D 3 22.55 -20.76 -19.29
CA THR D 3 23.02 -19.53 -18.67
C THR D 3 24.53 -19.54 -18.48
N GLY D 4 25.12 -20.71 -18.27
CA GLY D 4 26.55 -20.80 -18.05
C GLY D 4 27.32 -21.30 -19.24
N ASP D 5 26.94 -20.87 -20.44
CA ASP D 5 27.67 -21.23 -21.64
C ASP D 5 29.00 -20.47 -21.69
N ASN D 6 29.81 -20.78 -22.71
CA ASN D 6 31.08 -20.11 -22.89
C ASN D 6 30.95 -18.78 -23.60
N THR D 7 29.88 -18.58 -24.38
CA THR D 7 29.66 -17.33 -25.09
C THR D 7 29.09 -16.24 -24.19
N ASN D 8 28.87 -16.51 -22.91
CA ASN D 8 28.29 -15.56 -21.98
C ASN D 8 29.37 -15.06 -21.02
N ALA D 9 29.37 -13.76 -20.77
CA ALA D 9 30.27 -13.13 -19.82
C ALA D 9 29.54 -12.89 -18.50
N TYR D 10 30.32 -12.65 -17.46
CA TYR D 10 29.74 -12.39 -16.15
C TYR D 10 30.63 -11.46 -15.35
N TYR D 11 30.01 -10.74 -14.42
CA TYR D 11 30.71 -9.78 -13.55
C TYR D 11 30.29 -10.06 -12.12
N SER D 12 31.26 -10.35 -11.26
CA SER D 12 30.97 -10.74 -9.89
C SER D 12 30.91 -9.53 -8.97
N ASP D 13 30.27 -9.73 -7.81
CA ASP D 13 30.19 -8.74 -6.74
C ASP D 13 29.54 -7.44 -7.18
N GLU D 14 28.64 -7.51 -8.16
CA GLU D 14 27.93 -6.33 -8.61
C GLU D 14 26.77 -6.02 -7.65
N VAL D 15 26.25 -4.80 -7.76
CA VAL D 15 25.13 -4.35 -6.94
C VAL D 15 24.15 -3.63 -7.86
N ILE D 16 22.91 -4.11 -7.89
CA ILE D 16 21.89 -3.53 -8.76
C ILE D 16 21.52 -2.15 -8.19
N SER D 17 21.95 -1.09 -8.89
CA SER D 17 21.82 0.27 -8.37
C SER D 17 20.73 1.08 -9.06
N GLU D 18 20.23 0.63 -10.20
CA GLU D 18 19.19 1.37 -10.91
C GLU D 18 18.34 0.39 -11.70
N LEU D 19 17.02 0.58 -11.64
CA LEU D 19 16.09 -0.29 -12.33
C LEU D 19 15.20 0.57 -13.21
N HIS D 20 15.30 0.38 -14.52
CA HIS D 20 14.48 1.10 -15.49
C HIS D 20 13.63 0.08 -16.24
N VAL D 21 12.32 0.29 -16.22
CA VAL D 21 11.40 -0.56 -16.97
C VAL D 21 10.83 0.25 -18.13
N GLY D 22 10.19 -0.46 -19.07
CA GLY D 22 9.64 0.19 -20.24
C GLY D 22 9.05 -0.79 -21.23
N GLN D 23 9.03 -0.40 -22.51
CA GLN D 23 8.48 -1.27 -23.55
C GLN D 23 8.95 -0.83 -24.93
N ILE D 24 9.39 -1.78 -25.74
CA ILE D 24 9.78 -1.52 -27.12
C ILE D 24 9.21 -2.63 -28.00
N ASP D 25 8.52 -2.24 -29.07
CA ASP D 25 7.93 -3.16 -30.04
C ASP D 25 6.99 -4.15 -29.34
N THR D 26 5.92 -3.58 -28.81
CA THR D 26 4.84 -4.30 -28.11
C THR D 26 5.37 -5.43 -27.23
N SER D 27 6.38 -5.11 -26.43
CA SER D 27 6.95 -6.08 -25.51
C SER D 27 7.63 -5.39 -24.35
N PRO D 28 7.22 -5.64 -23.11
CA PRO D 28 7.88 -5.01 -21.97
C PRO D 28 9.30 -5.48 -21.81
N TYR D 29 10.07 -4.72 -21.04
CA TYR D 29 11.45 -5.07 -20.77
C TYR D 29 11.89 -4.35 -19.50
N PHE D 30 13.15 -4.57 -19.12
CA PHE D 30 13.73 -3.87 -17.99
C PHE D 30 15.24 -3.89 -18.16
N CYS D 31 15.87 -2.73 -18.02
CA CYS D 31 17.33 -2.61 -18.12
C CYS D 31 17.87 -2.18 -16.77
N ILE D 32 18.29 -3.16 -15.96
CA ILE D 32 18.95 -2.82 -14.71
C ILE D 32 20.28 -2.14 -14.99
N LYS D 33 20.77 -1.42 -13.99
CA LYS D 33 22.11 -0.84 -14.04
C LYS D 33 22.82 -1.19 -12.75
N THR D 34 23.93 -1.91 -12.85
CA THR D 34 24.62 -2.45 -11.70
C THR D 34 26.02 -1.88 -11.62
N VAL D 35 26.44 -1.54 -10.41
CA VAL D 35 27.80 -1.07 -10.15
C VAL D 35 28.53 -2.12 -9.32
N LYS D 36 29.85 -1.94 -9.20
CA LYS D 36 30.69 -2.89 -8.49
C LYS D 36 30.48 -2.74 -6.99
N ALA D 37 31.28 -3.47 -6.21
CA ALA D 37 31.15 -3.43 -4.75
C ALA D 37 31.62 -2.09 -4.21
N ASN D 38 32.88 -1.75 -4.43
CA ASN D 38 33.49 -0.54 -3.89
C ASN D 38 33.59 0.56 -4.93
N GLY D 39 32.60 0.66 -5.81
CA GLY D 39 32.59 1.73 -6.80
C GLY D 39 33.74 1.67 -7.79
N SER D 40 34.18 0.48 -8.15
CA SER D 40 35.26 0.30 -9.10
C SER D 40 34.70 -0.09 -10.47
N GLY D 41 35.58 -0.07 -11.47
CA GLY D 41 35.19 -0.48 -12.80
C GLY D 41 34.22 0.49 -13.43
N THR D 42 33.23 -0.06 -14.15
CA THR D 42 32.25 0.70 -14.90
C THR D 42 30.87 0.08 -14.70
N PRO D 43 29.80 0.87 -14.84
CA PRO D 43 28.46 0.30 -14.73
C PRO D 43 28.13 -0.56 -15.94
N VAL D 44 27.24 -1.53 -15.73
CA VAL D 44 26.89 -2.53 -16.73
C VAL D 44 25.38 -2.57 -16.84
N VAL D 45 24.83 -1.98 -17.90
CA VAL D 45 23.40 -2.05 -18.15
C VAL D 45 23.11 -3.35 -18.89
N ALA D 46 22.08 -4.08 -18.44
CA ALA D 46 21.74 -5.37 -19.02
C ALA D 46 20.23 -5.45 -19.17
N CYS D 47 19.73 -5.26 -20.39
CA CYS D 47 18.31 -5.28 -20.65
C CYS D 47 17.78 -6.72 -20.70
N ALA D 48 16.46 -6.84 -20.77
CA ALA D 48 15.83 -8.15 -20.95
C ALA D 48 14.45 -7.90 -21.58
N VAL D 49 14.37 -8.11 -22.89
CA VAL D 49 13.11 -7.90 -23.61
C VAL D 49 12.27 -9.16 -23.53
N SER D 50 10.95 -8.99 -23.45
CA SER D 50 10.07 -10.09 -23.12
C SER D 50 9.94 -11.08 -24.28
N LYS D 51 9.84 -10.59 -25.51
CA LYS D 51 9.52 -11.45 -26.65
C LYS D 51 10.37 -11.10 -27.86
N GLN D 52 11.69 -10.94 -27.67
CA GLN D 52 12.54 -10.58 -28.79
C GLN D 52 13.76 -11.47 -28.93
N SER D 53 14.23 -12.05 -27.83
CA SER D 53 15.42 -12.89 -27.85
C SER D 53 15.04 -14.35 -27.64
N ILE D 54 16.07 -15.19 -27.56
CA ILE D 54 15.86 -16.61 -27.21
C ILE D 54 15.79 -16.81 -25.70
N TRP D 55 16.19 -15.83 -24.90
CA TRP D 55 16.05 -15.87 -23.45
C TRP D 55 14.70 -15.34 -22.99
N ALA D 56 13.69 -15.40 -23.86
CA ALA D 56 12.38 -14.88 -23.51
C ALA D 56 11.68 -15.63 -22.38
N PRO D 57 11.76 -16.97 -22.26
CA PRO D 57 11.00 -17.65 -21.19
C PRO D 57 11.34 -17.18 -19.79
N SER D 58 12.59 -16.81 -19.50
CA SER D 58 13.00 -16.45 -18.16
C SER D 58 12.89 -14.96 -17.88
N PHE D 59 12.08 -14.23 -18.65
CA PHE D 59 11.94 -12.79 -18.41
C PHE D 59 11.24 -12.51 -17.09
N LYS D 60 10.24 -13.33 -16.74
CA LYS D 60 9.49 -13.11 -15.50
C LYS D 60 10.31 -13.52 -14.29
N GLU D 61 11.08 -14.61 -14.41
CA GLU D 61 11.88 -15.07 -13.27
C GLU D 61 13.06 -14.15 -13.03
N LEU D 62 13.64 -13.58 -14.09
CA LEU D 62 14.76 -12.65 -13.91
C LEU D 62 14.30 -11.28 -13.42
N LEU D 63 13.06 -10.91 -13.67
CA LEU D 63 12.56 -9.61 -13.21
C LEU D 63 12.34 -9.62 -11.70
N ASP D 64 11.77 -10.70 -11.16
CA ASP D 64 11.52 -10.77 -9.73
C ASP D 64 12.81 -10.94 -8.95
N GLN D 65 13.82 -11.56 -9.54
CA GLN D 65 15.11 -11.70 -8.88
C GLN D 65 15.95 -10.44 -9.00
N ALA D 66 15.77 -9.66 -10.08
CA ALA D 66 16.46 -8.40 -10.22
C ALA D 66 15.81 -7.28 -9.43
N ARG D 67 14.54 -7.44 -9.05
CA ARG D 67 13.89 -6.48 -8.17
C ARG D 67 14.16 -6.79 -6.70
N TYR D 68 14.20 -8.08 -6.34
CA TYR D 68 14.53 -8.45 -4.97
C TYR D 68 15.95 -8.04 -4.61
N PHE D 69 16.86 -8.04 -5.58
CA PHE D 69 18.24 -7.66 -5.33
C PHE D 69 18.45 -6.15 -5.43
N TYR D 70 17.62 -5.45 -6.20
CA TYR D 70 17.68 -4.00 -6.25
C TYR D 70 17.16 -3.39 -4.95
N SER D 71 16.21 -4.05 -4.29
CA SER D 71 15.64 -3.54 -3.05
C SER D 71 16.57 -3.80 -1.87
N THR D 72 16.96 -5.05 -1.65
CA THR D 72 17.87 -5.37 -0.56
C THR D 72 19.27 -4.83 -0.79
N GLY D 73 19.65 -4.62 -2.05
CA GLY D 73 20.96 -4.06 -2.36
C GLY D 73 22.12 -4.89 -1.84
N GLN D 74 22.25 -6.12 -2.34
CA GLN D 74 23.30 -7.03 -1.92
C GLN D 74 24.06 -7.52 -3.14
N SER D 75 25.18 -8.19 -2.88
CA SER D 75 26.07 -8.63 -3.94
C SER D 75 25.39 -9.65 -4.84
N VAL D 76 25.62 -9.51 -6.15
CA VAL D 76 25.08 -10.42 -7.16
C VAL D 76 26.16 -10.69 -8.20
N ARG D 77 25.83 -11.51 -9.18
CA ARG D 77 26.67 -11.78 -10.33
C ARG D 77 25.75 -11.97 -11.52
N ILE D 78 25.88 -11.15 -12.56
CA ILE D 78 25.00 -11.18 -13.71
C ILE D 78 25.72 -11.82 -14.88
N HIS D 79 25.00 -12.63 -15.64
CA HIS D 79 25.49 -13.21 -16.89
C HIS D 79 24.71 -12.57 -18.03
N VAL D 80 25.42 -12.17 -19.09
CA VAL D 80 24.83 -11.47 -20.21
C VAL D 80 25.32 -12.11 -21.50
N GLN D 81 24.65 -11.76 -22.60
CA GLN D 81 25.05 -12.15 -23.95
C GLN D 81 25.12 -10.88 -24.78
N LYS D 82 26.33 -10.52 -25.20
CA LYS D 82 26.55 -9.23 -25.84
C LYS D 82 26.12 -9.27 -27.31
N ASN D 83 26.04 -8.07 -27.90
CA ASN D 83 25.79 -7.88 -29.32
C ASN D 83 24.41 -8.43 -29.73
N ILE D 84 23.37 -7.87 -29.12
CA ILE D 84 21.99 -8.15 -29.49
C ILE D 84 21.27 -6.82 -29.68
N TRP D 85 20.14 -6.87 -30.39
CA TRP D 85 19.27 -5.72 -30.61
C TRP D 85 20.03 -4.60 -31.34
N THR D 86 20.33 -4.89 -32.61
CA THR D 86 21.05 -3.98 -33.49
C THR D 86 20.38 -2.60 -33.62
N TYR D 87 19.20 -2.40 -33.05
CA TYR D 87 18.54 -1.11 -33.08
C TYR D 87 19.52 -0.02 -32.65
N PRO D 88 19.70 1.04 -33.46
CA PRO D 88 20.79 2.00 -33.20
C PRO D 88 20.63 2.78 -31.90
N LEU D 89 19.49 3.44 -31.72
CA LEU D 89 19.35 4.36 -30.59
C LEU D 89 19.22 3.61 -29.27
N PHE D 90 18.65 2.40 -29.30
CA PHE D 90 18.48 1.61 -28.08
C PHE D 90 19.85 1.32 -27.45
N VAL D 91 20.81 0.84 -28.25
CA VAL D 91 22.12 0.50 -27.72
C VAL D 91 22.81 1.75 -27.17
N ASN D 92 22.64 2.88 -27.84
CA ASN D 92 23.23 4.13 -27.35
C ASN D 92 22.65 4.56 -26.02
N THR D 93 21.44 4.10 -25.69
CA THR D 93 20.81 4.49 -24.43
C THR D 93 21.27 3.59 -23.28
N PHE D 94 21.17 2.27 -23.45
CA PHE D 94 21.49 1.35 -22.36
C PHE D 94 22.73 0.52 -22.65
N SER D 95 22.68 -0.37 -23.65
CA SER D 95 23.74 -1.34 -23.92
C SER D 95 23.37 -2.25 -25.09
N ALA D 96 24.29 -3.12 -25.48
CA ALA D 96 24.03 -4.21 -26.42
C ALA D 96 24.06 -5.56 -25.71
N ASN D 97 23.58 -5.61 -24.46
CA ASN D 97 23.58 -6.82 -23.66
C ASN D 97 22.16 -7.26 -23.36
N ALA D 98 22.03 -8.51 -22.93
CA ALA D 98 20.76 -9.09 -22.53
C ALA D 98 20.97 -9.86 -21.23
N LEU D 99 20.15 -9.58 -20.22
CA LEU D 99 20.28 -10.26 -18.94
C LEU D 99 19.94 -11.74 -19.09
N VAL D 100 20.86 -12.61 -18.70
CA VAL D 100 20.70 -14.04 -18.91
C VAL D 100 20.64 -14.77 -17.58
N GLY D 101 21.32 -14.25 -16.56
CA GLY D 101 21.36 -14.91 -15.28
C GLY D 101 21.61 -13.95 -14.13
N LEU D 102 21.27 -14.41 -12.93
CA LEU D 102 21.42 -13.60 -11.72
C LEU D 102 21.69 -14.54 -10.56
N SER D 103 22.94 -14.61 -10.11
CA SER D 103 23.32 -15.45 -9.00
C SER D 103 23.55 -14.62 -7.75
N SER D 104 23.30 -15.23 -6.60
CA SER D 104 23.48 -14.56 -5.31
C SER D 104 24.89 -14.80 -4.81
N CYS D 105 25.65 -13.72 -4.62
CA CYS D 105 27.04 -13.80 -4.22
C CYS D 105 27.15 -13.74 -2.69
N SER D 106 27.98 -14.62 -2.13
CA SER D 106 28.25 -14.60 -0.70
C SER D 106 29.42 -13.66 -0.43
N ALA D 107 29.96 -13.72 0.79
CA ALA D 107 31.08 -12.85 1.14
C ALA D 107 32.32 -13.18 0.33
N THR D 108 32.68 -14.46 0.27
CA THR D 108 33.90 -14.88 -0.41
C THR D 108 33.64 -15.29 -1.86
N GLN D 109 32.78 -16.28 -2.07
CA GLN D 109 32.52 -16.83 -3.40
C GLN D 109 31.03 -16.80 -3.69
N CYS D 110 30.71 -16.62 -4.97
CA CYS D 110 29.32 -16.55 -5.41
C CYS D 110 28.74 -17.96 -5.54
N PHE D 111 27.56 -18.07 -6.13
CA PHE D 111 26.87 -19.36 -6.28
C PHE D 111 26.27 -19.40 -7.68
N GLY D 112 27.01 -19.96 -8.63
CA GLY D 112 26.54 -20.06 -9.98
C GLY D 112 27.63 -20.48 -10.95
N PRO D 113 27.29 -20.58 -12.23
CA PRO D 113 28.30 -20.95 -13.24
C PRO D 113 29.41 -19.91 -13.32
N LYS D 114 30.63 -20.34 -13.01
CA LYS D 114 31.79 -19.46 -12.99
C LYS D 114 32.19 -19.07 -14.41
N GLU E 1 3.60 -40.03 -6.97
CA GLU E 1 4.75 -39.54 -6.22
C GLU E 1 4.29 -38.70 -5.03
N TRP E 2 5.20 -38.48 -4.07
CA TRP E 2 4.89 -37.72 -2.88
C TRP E 2 6.17 -37.07 -2.38
N THR E 3 6.01 -36.16 -1.42
CA THR E 3 7.16 -35.50 -0.82
C THR E 3 7.73 -36.29 0.36
N GLY E 4 6.92 -37.10 1.01
CA GLY E 4 7.37 -37.87 2.16
C GLY E 4 7.59 -39.33 1.88
N ASP E 5 7.85 -39.68 0.63
CA ASP E 5 8.17 -41.06 0.29
C ASP E 5 9.51 -41.47 0.91
N ASN E 6 9.68 -42.76 1.13
CA ASN E 6 10.95 -43.26 1.64
C ASN E 6 12.05 -43.13 0.60
N THR E 7 11.68 -43.12 -0.69
CA THR E 7 12.68 -42.93 -1.75
C THR E 7 13.28 -41.54 -1.69
N ASN E 8 12.45 -40.52 -1.43
CA ASN E 8 12.95 -39.16 -1.29
C ASN E 8 13.62 -38.98 0.06
N ALA E 9 14.75 -38.28 0.06
CA ALA E 9 15.48 -38.01 1.29
C ALA E 9 15.01 -36.70 1.91
N TYR E 10 15.48 -36.45 3.13
CA TYR E 10 15.17 -35.19 3.81
C TYR E 10 16.35 -34.77 4.66
N TYR E 11 16.56 -33.46 4.74
CA TYR E 11 17.63 -32.87 5.54
C TYR E 11 17.01 -31.83 6.46
N SER E 12 17.29 -31.94 7.75
CA SER E 12 16.67 -31.10 8.76
C SER E 12 17.60 -29.97 9.17
N ASP E 13 17.00 -28.91 9.73
CA ASP E 13 17.72 -27.72 10.19
C ASP E 13 18.51 -27.08 9.04
N GLU E 14 17.85 -26.93 7.90
CA GLU E 14 18.49 -26.39 6.70
C GLU E 14 18.09 -24.94 6.52
N VAL E 15 19.07 -24.05 6.54
CA VAL E 15 18.87 -22.63 6.30
C VAL E 15 19.30 -22.32 4.87
N ILE E 16 18.37 -21.80 4.07
CA ILE E 16 18.68 -21.47 2.68
C ILE E 16 19.64 -20.29 2.65
N SER E 17 20.75 -20.45 1.93
CA SER E 17 21.83 -19.47 1.95
C SER E 17 22.03 -18.75 0.62
N GLU E 18 21.72 -19.38 -0.52
CA GLU E 18 21.96 -18.77 -1.81
C GLU E 18 20.74 -18.96 -2.70
N LEU E 19 20.80 -18.42 -3.90
CA LEU E 19 19.71 -18.44 -4.86
C LEU E 19 20.27 -18.07 -6.23
N HIS E 20 19.75 -18.71 -7.28
CA HIS E 20 20.25 -18.46 -8.63
C HIS E 20 19.15 -18.79 -9.63
N VAL E 21 18.66 -17.78 -10.34
CA VAL E 21 17.60 -17.93 -11.33
C VAL E 21 18.21 -17.69 -12.71
N GLY E 22 18.26 -18.73 -13.53
CA GLY E 22 18.77 -18.66 -14.87
C GLY E 22 17.79 -19.25 -15.87
N GLN E 23 18.34 -19.82 -16.94
CA GLN E 23 17.53 -20.46 -17.97
C GLN E 23 18.38 -21.49 -18.70
N ILE E 24 17.81 -22.67 -18.92
CA ILE E 24 18.49 -23.74 -19.64
C ILE E 24 17.47 -24.42 -20.56
N ASP E 25 17.81 -24.52 -21.85
CA ASP E 25 16.99 -25.21 -22.85
C ASP E 25 15.57 -24.64 -22.88
N THR E 26 15.49 -23.33 -23.07
CA THR E 26 14.22 -22.60 -23.20
C THR E 26 13.30 -22.87 -22.03
N SER E 27 13.87 -22.95 -20.82
CA SER E 27 13.09 -23.13 -19.61
C SER E 27 13.92 -22.57 -18.45
N PRO E 28 13.36 -21.67 -17.66
CA PRO E 28 14.09 -21.14 -16.49
C PRO E 28 14.19 -22.18 -15.39
N TYR E 29 15.01 -21.86 -14.40
CA TYR E 29 15.23 -22.75 -13.27
C TYR E 29 15.74 -21.93 -12.10
N PHE E 30 15.84 -22.59 -10.95
CA PHE E 30 16.43 -21.98 -9.77
C PHE E 30 17.06 -23.06 -8.91
N CYS E 31 18.10 -22.69 -8.18
CA CYS E 31 18.82 -23.61 -7.30
C CYS E 31 19.10 -22.92 -5.98
N ILE E 32 18.87 -23.63 -4.88
CA ILE E 32 19.11 -23.11 -3.54
C ILE E 32 20.23 -23.92 -2.90
N LYS E 33 20.97 -23.28 -2.02
CA LYS E 33 22.05 -23.91 -1.28
C LYS E 33 21.71 -23.80 0.21
N THR E 34 21.17 -24.86 0.77
CA THR E 34 20.79 -24.88 2.17
C THR E 34 21.97 -25.31 3.04
N VAL E 35 22.10 -24.65 4.19
CA VAL E 35 23.20 -24.90 5.12
C VAL E 35 22.61 -25.20 6.49
N LYS E 36 23.25 -26.10 7.23
CA LYS E 36 22.84 -26.37 8.60
C LYS E 36 22.89 -25.09 9.44
N ALA E 37 21.94 -24.98 10.36
CA ALA E 37 21.88 -23.84 11.27
C ALA E 37 22.80 -23.98 12.47
N ASN E 38 23.71 -24.96 12.46
CA ASN E 38 24.59 -25.21 13.59
C ASN E 38 26.05 -25.13 13.18
N GLY E 39 26.34 -25.47 11.92
CA GLY E 39 27.69 -25.51 11.41
C GLY E 39 28.18 -26.89 11.03
N SER E 40 27.38 -27.92 11.23
CA SER E 40 27.77 -29.29 10.91
C SER E 40 27.27 -29.67 9.51
N GLY E 41 27.66 -30.88 9.08
CA GLY E 41 27.20 -31.40 7.81
C GLY E 41 27.78 -30.64 6.62
N THR E 42 27.18 -30.92 5.47
CA THR E 42 27.58 -30.33 4.19
C THR E 42 26.42 -29.59 3.56
N PRO E 43 26.69 -28.51 2.83
CA PRO E 43 25.62 -27.79 2.13
C PRO E 43 25.11 -28.61 0.95
N VAL E 44 23.80 -28.79 0.88
CA VAL E 44 23.16 -29.56 -0.18
C VAL E 44 22.43 -28.61 -1.11
N VAL E 45 22.49 -28.91 -2.41
CA VAL E 45 21.88 -28.09 -3.45
C VAL E 45 20.69 -28.85 -4.02
N ALA E 46 19.63 -28.11 -4.36
CA ALA E 46 18.42 -28.74 -4.89
C ALA E 46 17.82 -27.80 -5.93
N CYS E 47 18.11 -28.07 -7.20
CA CYS E 47 17.59 -27.26 -8.28
C CYS E 47 16.14 -27.64 -8.59
N ALA E 48 15.52 -26.86 -9.47
CA ALA E 48 14.16 -27.16 -9.93
C ALA E 48 13.98 -26.48 -11.29
N VAL E 49 14.10 -27.27 -12.36
CA VAL E 49 13.88 -26.75 -13.70
C VAL E 49 12.39 -26.60 -13.95
N SER E 50 12.03 -25.64 -14.79
CA SER E 50 10.62 -25.29 -14.99
C SER E 50 9.81 -26.48 -15.47
N LYS E 51 10.12 -26.98 -16.66
CA LYS E 51 9.41 -28.15 -17.23
C LYS E 51 10.45 -29.15 -17.73
N GLN E 52 11.01 -29.94 -16.82
CA GLN E 52 11.89 -31.02 -17.25
C GLN E 52 11.59 -32.35 -16.57
N SER E 53 11.23 -32.33 -15.28
CA SER E 53 11.11 -33.55 -14.50
C SER E 53 9.67 -33.73 -14.03
N ILE E 54 9.46 -34.74 -13.17
CA ILE E 54 8.13 -34.99 -12.63
C ILE E 54 7.74 -33.94 -11.60
N TRP E 55 8.71 -33.20 -11.05
CA TRP E 55 8.41 -32.14 -10.11
C TRP E 55 8.29 -30.80 -10.84
N ALA E 56 7.57 -30.80 -11.95
CA ALA E 56 7.42 -29.65 -12.84
C ALA E 56 6.34 -28.67 -12.37
N PRO E 57 5.13 -29.11 -11.99
CA PRO E 57 4.08 -28.13 -11.68
C PRO E 57 4.39 -27.26 -10.48
N SER E 58 5.21 -27.73 -9.54
CA SER E 58 5.49 -27.00 -8.32
C SER E 58 6.73 -26.11 -8.43
N PHE E 59 7.09 -25.69 -9.65
CA PHE E 59 8.24 -24.79 -9.80
C PHE E 59 7.91 -23.40 -9.28
N LYS E 60 6.74 -22.87 -9.64
CA LYS E 60 6.39 -21.52 -9.23
C LYS E 60 6.14 -21.46 -7.72
N GLU E 61 5.49 -22.48 -7.17
CA GLU E 61 5.18 -22.46 -5.73
C GLU E 61 6.43 -22.65 -4.90
N LEU E 62 7.36 -23.49 -5.35
CA LEU E 62 8.60 -23.69 -4.62
C LEU E 62 9.61 -22.57 -4.85
N LEU E 63 9.39 -21.71 -5.84
CA LEU E 63 10.25 -20.56 -6.03
C LEU E 63 9.83 -19.39 -5.16
N ASP E 64 8.51 -19.21 -4.96
CA ASP E 64 8.04 -18.19 -4.03
C ASP E 64 8.41 -18.55 -2.60
N GLN E 65 8.32 -19.84 -2.25
CA GLN E 65 8.62 -20.27 -0.90
C GLN E 65 10.11 -20.34 -0.62
N ALA E 66 10.93 -20.66 -1.63
CA ALA E 66 12.37 -20.68 -1.43
C ALA E 66 12.93 -19.27 -1.22
N ARG E 67 12.25 -18.26 -1.76
CA ARG E 67 12.66 -16.88 -1.54
C ARG E 67 12.19 -16.35 -0.19
N TYR E 68 11.15 -16.96 0.40
CA TYR E 68 10.70 -16.54 1.72
C TYR E 68 11.65 -17.01 2.80
N PHE E 69 11.96 -18.31 2.83
CA PHE E 69 12.87 -18.85 3.82
C PHE E 69 14.29 -18.33 3.65
N TYR E 70 14.67 -17.93 2.44
CA TYR E 70 16.00 -17.38 2.22
C TYR E 70 16.13 -15.96 2.75
N SER E 71 15.03 -15.21 2.77
CA SER E 71 15.07 -13.84 3.26
C SER E 71 14.96 -13.78 4.78
N THR E 72 13.93 -14.43 5.33
CA THR E 72 13.74 -14.41 6.78
C THR E 72 14.85 -15.16 7.51
N GLY E 73 15.49 -16.12 6.84
CA GLY E 73 16.58 -16.85 7.46
C GLY E 73 16.15 -17.87 8.49
N GLN E 74 14.91 -18.32 8.46
CA GLN E 74 14.44 -19.30 9.41
C GLN E 74 14.86 -20.70 8.99
N SER E 75 15.11 -21.55 9.98
CA SER E 75 15.55 -22.92 9.71
C SER E 75 14.38 -23.76 9.25
N VAL E 76 14.55 -24.45 8.12
CA VAL E 76 13.54 -25.33 7.55
C VAL E 76 14.17 -26.68 7.27
N ARG E 77 13.31 -27.65 6.97
CA ARG E 77 13.74 -28.99 6.58
C ARG E 77 13.33 -29.21 5.13
N ILE E 78 14.31 -29.50 4.28
CA ILE E 78 14.06 -29.67 2.85
C ILE E 78 14.04 -31.15 2.51
N HIS E 79 13.27 -31.50 1.49
CA HIS E 79 13.23 -32.85 0.95
C HIS E 79 13.62 -32.78 -0.52
N VAL E 80 14.42 -33.75 -0.97
CA VAL E 80 14.95 -33.76 -2.32
C VAL E 80 14.76 -35.16 -2.91
N GLN E 81 15.10 -35.28 -4.19
CA GLN E 81 15.12 -36.56 -4.90
C GLN E 81 16.40 -36.63 -5.70
N LYS E 82 17.21 -37.65 -5.44
CA LYS E 82 18.56 -37.72 -5.98
C LYS E 82 18.57 -38.36 -7.37
N ASN E 83 19.60 -38.02 -8.15
CA ASN E 83 19.82 -38.55 -9.49
C ASN E 83 18.63 -38.25 -10.40
N ILE E 84 18.43 -36.96 -10.66
CA ILE E 84 17.35 -36.50 -11.52
C ILE E 84 17.90 -35.81 -12.76
N TRP E 85 18.64 -34.71 -12.55
CA TRP E 85 19.20 -33.97 -13.68
C TRP E 85 20.42 -34.69 -14.23
N THR E 86 20.58 -34.65 -15.56
CA THR E 86 21.62 -35.43 -16.22
C THR E 86 22.49 -34.62 -17.17
N TYR E 87 22.22 -33.33 -17.34
CA TYR E 87 23.08 -32.51 -18.20
C TYR E 87 24.46 -32.42 -17.57
N PRO E 88 25.53 -32.66 -18.35
CA PRO E 88 26.87 -32.75 -17.75
C PRO E 88 27.32 -31.49 -17.04
N LEU E 89 27.33 -30.36 -17.75
CA LEU E 89 27.79 -29.12 -17.15
C LEU E 89 26.80 -28.52 -16.16
N PHE E 90 25.57 -29.04 -16.11
CA PHE E 90 24.60 -28.57 -15.14
C PHE E 90 24.75 -29.29 -13.80
N VAL E 91 24.99 -30.61 -13.84
CA VAL E 91 25.15 -31.37 -12.61
C VAL E 91 26.46 -30.98 -11.92
N ASN E 92 27.53 -30.85 -12.70
CA ASN E 92 28.82 -30.44 -12.14
C ASN E 92 28.79 -29.03 -11.58
N THR E 93 27.76 -28.25 -11.88
CA THR E 93 27.69 -26.87 -11.39
C THR E 93 26.97 -26.78 -10.05
N PHE E 94 25.76 -27.34 -9.93
CA PHE E 94 25.02 -27.27 -8.68
C PHE E 94 24.84 -28.63 -8.03
N SER E 95 24.13 -29.55 -8.68
CA SER E 95 23.77 -30.83 -8.07
C SER E 95 22.93 -31.63 -9.08
N ALA E 96 22.62 -32.87 -8.70
CA ALA E 96 21.72 -33.72 -9.45
C ALA E 96 20.38 -33.92 -8.76
N ASN E 97 20.15 -33.26 -7.63
CA ASN E 97 18.91 -33.42 -6.88
C ASN E 97 17.81 -32.54 -7.44
N ALA E 98 16.59 -32.79 -6.98
CA ALA E 98 15.41 -32.01 -7.36
C ALA E 98 14.66 -31.62 -6.10
N LEU E 99 14.47 -30.34 -5.88
CA LEU E 99 13.74 -29.86 -4.72
C LEU E 99 12.29 -30.30 -4.84
N VAL E 100 11.80 -31.04 -3.84
CA VAL E 100 10.44 -31.57 -3.88
C VAL E 100 9.53 -30.90 -2.85
N GLY E 101 10.06 -30.39 -1.75
CA GLY E 101 9.23 -29.76 -0.74
C GLY E 101 10.05 -28.87 0.17
N LEU E 102 9.35 -28.21 1.09
CA LEU E 102 9.99 -27.30 2.03
C LEU E 102 9.10 -27.23 3.28
N SER E 103 9.53 -27.90 4.33
CA SER E 103 8.80 -27.94 5.60
C SER E 103 9.44 -26.98 6.60
N SER E 104 8.60 -26.24 7.31
CA SER E 104 9.10 -25.38 8.38
C SER E 104 9.50 -26.20 9.59
N CYS E 105 10.35 -25.62 10.43
CA CYS E 105 10.92 -26.31 11.58
C CYS E 105 10.66 -25.51 12.84
N SER E 106 10.17 -26.19 13.87
CA SER E 106 9.93 -25.56 15.17
C SER E 106 11.17 -25.71 16.04
N ALA E 107 11.04 -25.39 17.33
CA ALA E 107 12.18 -25.52 18.23
C ALA E 107 12.50 -26.97 18.54
N THR E 108 11.49 -27.84 18.59
CA THR E 108 11.69 -29.24 18.93
C THR E 108 11.71 -30.16 17.71
N GLN E 109 10.64 -30.14 16.92
CA GLN E 109 10.52 -31.01 15.76
C GLN E 109 10.09 -30.20 14.55
N CYS E 110 10.09 -30.86 13.39
CA CYS E 110 9.73 -30.26 12.12
C CYS E 110 8.29 -30.57 11.75
N PHE E 111 7.71 -29.71 10.92
CA PHE E 111 6.36 -29.91 10.41
C PHE E 111 6.41 -30.57 9.03
N GLY E 112 6.94 -31.78 9.00
CA GLY E 112 7.14 -32.48 7.75
C GLY E 112 6.74 -33.94 7.82
N PRO E 113 6.81 -34.62 6.67
CA PRO E 113 6.51 -36.05 6.65
C PRO E 113 7.73 -36.87 7.04
N LYS E 114 7.48 -37.89 7.86
CA LYS E 114 8.55 -38.74 8.37
C LYS E 114 8.25 -40.20 8.11
N ASP F 1 -4.37 13.65 18.99
CA ASP F 1 -3.24 12.96 19.58
C ASP F 1 -1.95 13.75 19.36
N ILE F 2 -2.04 14.83 18.58
CA ILE F 2 -0.92 15.71 18.29
C ILE F 2 -1.16 17.00 19.07
N VAL F 3 -0.32 17.25 20.06
CA VAL F 3 -0.48 18.41 20.92
C VAL F 3 0.28 19.59 20.33
N MET F 4 -0.22 20.79 20.57
CA MET F 4 0.40 22.02 20.08
C MET F 4 0.66 22.94 21.27
N SER F 5 1.93 23.23 21.51
CA SER F 5 2.34 24.04 22.66
C SER F 5 2.72 25.43 22.15
N GLN F 6 1.75 26.34 22.20
CA GLN F 6 1.96 27.71 21.76
C GLN F 6 2.50 28.55 22.91
N SER F 7 3.41 29.47 22.59
CA SER F 7 4.05 30.32 23.59
C SER F 7 4.55 31.58 22.91
N PRO F 8 4.46 32.75 23.54
CA PRO F 8 3.94 32.97 24.89
C PRO F 8 2.42 33.03 24.95
N SER F 9 1.86 32.91 26.16
CA SER F 9 0.40 32.94 26.30
C SER F 9 -0.15 34.35 26.16
N SER F 10 0.66 35.36 26.46
CA SER F 10 0.22 36.75 26.35
C SER F 10 1.44 37.62 26.13
N LEU F 11 1.36 38.52 25.16
CA LEU F 11 2.49 39.34 24.75
C LEU F 11 2.07 40.80 24.65
N ALA F 12 3.05 41.70 24.78
CA ALA F 12 2.80 43.13 24.66
C ALA F 12 4.07 43.78 24.13
N VAL F 13 3.99 44.37 22.93
CA VAL F 13 5.12 45.00 22.30
C VAL F 13 4.78 46.45 22.00
N SER F 14 5.83 47.26 21.86
CA SER F 14 5.67 48.67 21.52
C SER F 14 5.49 48.83 20.01
N ALA F 15 4.73 49.84 19.63
CA ALA F 15 4.45 50.09 18.22
C ALA F 15 5.73 50.39 17.46
N GLY F 16 5.94 49.69 16.35
CA GLY F 16 7.12 49.84 15.54
C GLY F 16 8.20 48.80 15.78
N GLU F 17 7.91 47.74 16.53
CA GLU F 17 8.88 46.70 16.86
C GLU F 17 8.43 45.38 16.25
N LYS F 18 9.40 44.61 15.75
CA LYS F 18 9.10 43.30 15.22
C LYS F 18 8.66 42.36 16.34
N VAL F 19 7.84 41.38 15.99
CA VAL F 19 7.21 40.49 16.95
C VAL F 19 7.50 39.05 16.58
N ASN F 20 7.82 38.24 17.58
CA ASN F 20 8.05 36.81 17.41
C ASN F 20 6.97 36.02 18.15
N MET F 21 6.63 34.86 17.59
CA MET F 21 5.61 33.99 18.19
C MET F 21 5.99 32.54 17.89
N SER F 22 6.15 31.74 18.95
CA SER F 22 6.67 30.40 18.83
C SER F 22 5.56 29.36 18.91
N CYS F 23 5.81 28.20 18.33
CA CYS F 23 4.91 27.06 18.40
C CYS F 23 5.73 25.78 18.49
N LYS F 24 5.04 24.67 18.77
CA LYS F 24 5.71 23.38 18.90
C LYS F 24 4.64 22.29 18.89
N SER F 25 4.96 21.16 18.27
CA SER F 25 4.08 20.00 18.22
C SER F 25 4.85 18.77 18.65
N SER F 26 4.09 17.70 18.95
CA SER F 26 4.70 16.48 19.45
C SER F 26 5.44 15.70 18.38
N GLN F 27 5.12 15.92 17.10
CA GLN F 27 5.75 15.18 16.02
C GLN F 27 5.91 16.10 14.83
N SER F 28 6.64 15.62 13.82
CA SER F 28 6.88 16.40 12.62
C SER F 28 5.58 16.58 11.83
N LEU F 29 5.57 17.62 11.00
CA LEU F 29 4.42 17.92 10.16
C LEU F 29 4.74 17.93 8.67
N PHE F 30 6.01 17.78 8.31
CA PHE F 30 6.38 17.69 6.90
C PHE F 30 5.92 16.34 6.34
N ASN F 31 5.17 16.38 5.24
CA ASN F 31 4.70 15.19 4.57
C ASN F 31 5.64 14.87 3.42
N SER F 32 6.28 13.70 3.47
CA SER F 32 7.22 13.32 2.43
C SER F 32 6.53 13.13 1.08
N ARG F 33 5.21 13.02 1.06
CA ARG F 33 4.48 12.86 -0.19
C ARG F 33 4.21 14.21 -0.84
N THR F 34 3.54 15.11 -0.13
CA THR F 34 3.21 16.42 -0.67
C THR F 34 4.36 17.41 -0.60
N ARG F 35 5.41 17.10 0.17
CA ARG F 35 6.61 17.94 0.25
C ARG F 35 6.29 19.33 0.78
N LYS F 36 5.37 19.40 1.74
CA LYS F 36 4.97 20.66 2.35
C LYS F 36 4.90 20.48 3.87
N ASN F 37 4.84 21.61 4.57
CA ASN F 37 4.61 21.62 6.01
C ASN F 37 3.17 22.06 6.25
N HIS F 38 2.42 21.24 6.99
CA HIS F 38 0.98 21.45 7.15
C HIS F 38 0.66 22.16 8.46
N LEU F 39 1.16 23.39 8.58
CA LEU F 39 0.87 24.23 9.73
C LEU F 39 0.46 25.62 9.26
N ALA F 40 -0.40 26.27 10.04
CA ALA F 40 -0.99 27.54 9.65
C ALA F 40 -1.02 28.47 10.86
N TRP F 41 -1.25 29.74 10.58
CA TRP F 41 -1.35 30.77 11.61
C TRP F 41 -2.65 31.54 11.39
N TYR F 42 -3.42 31.72 12.46
CA TYR F 42 -4.72 32.39 12.40
C TYR F 42 -4.70 33.64 13.25
N GLN F 43 -5.61 34.55 12.96
CA GLN F 43 -5.76 35.79 13.71
C GLN F 43 -7.22 35.99 14.08
N GLN F 44 -7.49 36.25 15.35
CA GLN F 44 -8.86 36.42 15.83
C GLN F 44 -8.92 37.67 16.71
N LYS F 45 -9.52 38.73 16.18
CA LYS F 45 -9.77 39.90 16.99
C LYS F 45 -10.94 39.65 17.94
N PRO F 46 -10.95 40.29 19.11
CA PRO F 46 -12.01 40.02 20.10
C PRO F 46 -13.40 40.29 19.54
N GLY F 47 -14.23 39.25 19.57
CA GLY F 47 -15.58 39.32 19.06
C GLY F 47 -15.74 38.96 17.59
N GLN F 48 -14.64 38.74 16.88
CA GLN F 48 -14.67 38.40 15.47
C GLN F 48 -14.23 36.96 15.25
N SER F 49 -14.64 36.40 14.10
CA SER F 49 -14.20 35.08 13.73
C SER F 49 -12.75 35.13 13.25
N PRO F 50 -12.00 34.04 13.43
CA PRO F 50 -10.59 34.04 13.02
C PRO F 50 -10.43 34.21 11.52
N LYS F 51 -9.20 34.53 11.12
CA LYS F 51 -8.88 34.83 9.73
C LYS F 51 -7.55 34.20 9.37
N LEU F 52 -7.52 33.48 8.25
CA LEU F 52 -6.31 32.77 7.84
C LEU F 52 -5.22 33.74 7.42
N MET F 53 -3.99 33.41 7.76
CA MET F 53 -2.83 34.25 7.46
C MET F 53 -1.75 33.56 6.64
N ILE F 54 -1.49 32.28 6.88
CA ILE F 54 -0.43 31.55 6.20
C ILE F 54 -0.98 30.21 5.69
N TYR F 55 -0.55 29.80 4.50
CA TYR F 55 -1.03 28.56 3.89
C TYR F 55 -0.34 27.34 4.49
N TRP F 56 0.97 27.22 4.27
CA TRP F 56 1.74 26.02 4.57
C TRP F 56 2.93 26.36 5.42
N ALA F 57 2.71 27.17 6.45
CA ALA F 57 3.70 27.62 7.43
C ALA F 57 4.73 28.58 6.83
N SER F 58 4.69 28.85 5.53
CA SER F 58 5.65 29.78 4.94
C SER F 58 5.06 30.74 3.91
N THR F 59 3.86 30.50 3.39
CA THR F 59 3.30 31.33 2.32
C THR F 59 2.01 31.96 2.81
N GLY F 60 2.00 33.29 2.90
CA GLY F 60 0.82 33.99 3.35
C GLY F 60 -0.32 33.93 2.36
N GLU F 61 -1.51 34.29 2.84
CA GLU F 61 -2.70 34.28 2.00
C GLU F 61 -2.66 35.46 1.02
N CYS F 62 -3.73 35.60 0.24
CA CYS F 62 -3.80 36.65 -0.77
C CYS F 62 -3.75 38.03 -0.14
N VAL F 63 -4.62 38.29 0.83
CA VAL F 63 -4.63 39.55 1.57
C VAL F 63 -3.93 39.30 2.91
N VAL F 64 -2.64 39.64 2.97
CA VAL F 64 -1.83 39.30 4.11
C VAL F 64 -1.20 40.52 4.79
N ARG F 65 -1.03 41.63 4.08
CA ARG F 65 -0.44 42.84 4.66
C ARG F 65 0.98 42.59 5.16
N ASP F 66 1.80 41.94 4.32
CA ASP F 66 3.23 41.80 4.55
C ASP F 66 3.55 41.27 5.95
N ARG F 67 3.13 40.04 6.22
CA ARG F 67 3.42 39.38 7.48
C ARG F 67 4.73 38.59 7.38
N PHE F 68 4.97 37.71 8.33
CA PHE F 68 6.18 36.89 8.37
C PHE F 68 5.91 35.50 7.85
N THR F 69 6.99 34.76 7.63
CA THR F 69 6.96 33.41 7.06
C THR F 69 7.67 32.49 8.05
N GLY F 70 6.89 31.66 8.75
CA GLY F 70 7.42 30.77 9.76
C GLY F 70 8.61 29.94 9.30
N SER F 71 9.45 29.55 10.27
CA SER F 71 10.63 28.77 9.95
C SER F 71 10.23 27.38 9.49
N GLY F 72 10.62 27.02 8.26
CA GLY F 72 10.19 25.77 7.68
C GLY F 72 10.87 24.56 8.28
N CYS F 73 10.60 24.30 9.56
CA CYS F 73 11.19 23.19 10.28
C CYS F 73 10.19 22.04 10.37
N GLY F 74 10.59 20.99 11.10
CA GLY F 74 9.73 19.86 11.32
C GLY F 74 8.58 20.17 12.25
N THR F 75 8.89 20.55 13.49
CA THR F 75 7.87 20.81 14.50
C THR F 75 8.24 22.04 15.33
N ASP F 76 8.76 23.08 14.68
CA ASP F 76 9.19 24.29 15.39
C ASP F 76 9.01 25.47 14.47
N PHE F 77 8.22 26.44 14.88
CA PHE F 77 7.84 27.56 14.03
C PHE F 77 7.88 28.84 14.83
N THR F 78 8.13 29.95 14.13
CA THR F 78 8.26 31.25 14.76
C THR F 78 7.80 32.32 13.77
N LEU F 79 7.97 33.57 14.13
CA LEU F 79 7.77 34.72 13.23
C LEU F 79 6.37 34.68 12.60
N THR F 80 5.37 34.90 13.43
CA THR F 80 4.00 34.98 12.92
C THR F 80 3.64 36.39 12.44
N ILE F 81 3.60 37.36 13.35
CA ILE F 81 3.17 38.72 12.99
C ILE F 81 4.40 39.63 12.87
N SER F 82 4.20 40.80 12.26
CA SER F 82 5.26 41.79 12.12
C SER F 82 4.66 43.19 12.09
N SER F 83 5.55 44.19 12.17
CA SER F 83 5.22 45.61 12.06
C SER F 83 3.98 46.02 12.83
N VAL F 84 4.02 45.88 14.16
CA VAL F 84 2.82 46.10 14.98
C VAL F 84 2.30 47.52 14.80
N GLN F 85 1.00 47.62 14.53
CA GLN F 85 0.30 48.88 14.39
C GLN F 85 -0.77 48.99 15.47
N ASP F 86 -1.61 50.02 15.36
CA ASP F 86 -2.69 50.23 16.32
C ASP F 86 -3.80 49.20 16.17
N GLU F 87 -3.88 48.51 15.04
CA GLU F 87 -4.95 47.56 14.77
C GLU F 87 -4.50 46.11 14.81
N ASP F 88 -3.26 45.85 15.20
CA ASP F 88 -2.72 44.50 15.25
C ASP F 88 -2.75 43.91 16.66
N ARG F 89 -3.76 44.26 17.44
CA ARG F 89 -3.97 43.71 18.79
C ARG F 89 -5.08 42.67 18.69
N ALA F 90 -4.69 41.41 18.49
CA ALA F 90 -5.65 40.33 18.31
C ALA F 90 -5.09 39.05 18.92
N VAL F 91 -5.83 37.95 18.74
CA VAL F 91 -5.42 36.64 19.22
C VAL F 91 -4.89 35.84 18.04
N TYR F 92 -3.67 35.33 18.17
CA TYR F 92 -3.02 34.57 17.11
C TYR F 92 -2.91 33.11 17.53
N LEU F 93 -3.51 32.24 16.72
CA LEU F 93 -3.53 30.81 16.98
C LEU F 93 -2.70 30.07 15.93
N CYS F 94 -2.57 28.76 16.14
CA CYS F 94 -1.91 27.88 15.19
C CYS F 94 -2.77 26.64 14.99
N LYS F 95 -2.44 25.86 13.97
CA LYS F 95 -3.23 24.68 13.63
C LYS F 95 -2.37 23.76 12.77
N GLN F 96 -2.63 22.46 12.92
CA GLN F 96 -2.01 21.43 12.10
C GLN F 96 -2.94 21.05 10.95
N SER F 97 -2.35 20.48 9.91
CA SER F 97 -3.11 19.87 8.82
C SER F 97 -2.54 18.52 8.42
N HIS F 98 -1.78 17.88 9.31
CA HIS F 98 -1.20 16.58 9.00
C HIS F 98 -2.24 15.49 8.89
N ASN F 99 -3.43 15.69 9.45
CA ASN F 99 -4.53 14.75 9.34
C ASN F 99 -5.84 15.51 9.45
N ARG F 100 -6.94 14.78 9.44
CA ARG F 100 -8.26 15.41 9.51
C ARG F 100 -8.62 15.87 10.90
N ALA F 101 -7.97 15.33 11.93
CA ALA F 101 -8.20 15.76 13.32
C ALA F 101 -7.36 17.01 13.57
N LEU F 102 -7.91 18.15 13.18
CA LEU F 102 -7.21 19.42 13.33
C LEU F 102 -7.10 19.80 14.80
N THR F 103 -5.89 20.04 15.27
CA THR F 103 -5.63 20.45 16.64
C THR F 103 -5.13 21.89 16.64
N PHE F 104 -5.77 22.73 17.44
CA PHE F 104 -5.41 24.14 17.54
C PHE F 104 -4.53 24.37 18.76
N GLY F 105 -3.73 25.42 18.70
CA GLY F 105 -2.88 25.79 19.81
C GLY F 105 -3.65 26.46 20.93
N CYS F 106 -2.90 26.88 21.95
CA CYS F 106 -3.52 27.55 23.09
C CYS F 106 -3.97 28.95 22.71
N GLY F 107 -3.06 29.78 22.26
CA GLY F 107 -3.38 31.13 21.87
C GLY F 107 -2.24 32.08 22.20
N THR F 108 -2.47 33.35 21.88
CA THR F 108 -1.52 34.42 22.17
C THR F 108 -2.23 35.74 22.04
N LYS F 109 -2.06 36.61 23.04
CA LYS F 109 -2.72 37.91 23.09
C LYS F 109 -1.67 38.99 22.97
N LEU F 110 -1.83 39.88 21.98
CA LEU F 110 -0.96 41.04 21.86
C LEU F 110 -1.63 42.25 22.52
N GLU F 111 -0.80 43.07 23.17
CA GLU F 111 -1.25 44.28 23.84
C GLU F 111 -0.26 45.39 23.55
N MET F 112 -0.36 46.49 24.29
CA MET F 112 0.53 47.63 24.15
C MET F 112 1.39 47.76 25.39
N LYS F 113 2.54 48.42 25.23
CA LYS F 113 3.49 48.62 26.32
C LYS F 113 3.15 49.92 27.03
N ARG F 114 2.52 49.80 28.19
CA ARG F 114 2.10 50.96 29.00
C ARG F 114 1.23 51.91 28.18
N GLU G 1 -19.18 37.45 -2.45
CA GLU G 1 -18.20 36.99 -1.47
C GLU G 1 -18.67 35.73 -0.76
N ILE G 2 -17.79 34.72 -0.70
CA ILE G 2 -18.13 33.49 -0.01
C ILE G 2 -18.11 33.73 1.49
N GLN G 3 -19.23 33.44 2.15
CA GLN G 3 -19.34 33.67 3.59
C GLN G 3 -20.37 32.71 4.17
N SER G 4 -20.08 32.21 5.36
CA SER G 4 -20.98 31.33 6.08
C SER G 4 -21.71 32.11 7.17
N GLN G 5 -22.98 31.78 7.38
CA GLN G 5 -23.82 32.46 8.35
C GLN G 5 -24.42 31.45 9.32
N GLN G 6 -24.32 31.74 10.61
CA GLN G 6 -24.80 30.85 11.66
C GLN G 6 -25.99 31.49 12.38
N CYS G 7 -26.54 30.74 13.33
CA CYS G 7 -27.69 31.20 14.10
C CYS G 7 -27.23 32.13 15.23
N GLY G 8 -28.20 32.63 16.00
CA GLY G 8 -27.92 33.51 17.10
C GLY G 8 -27.62 32.76 18.38
N PRO G 9 -27.56 33.48 19.50
CA PRO G 9 -27.26 32.82 20.78
C PRO G 9 -28.40 31.92 21.22
N GLU G 10 -28.04 30.90 21.98
CA GLU G 10 -29.00 29.92 22.48
C GLU G 10 -28.90 29.82 24.00
N LEU G 11 -30.03 29.48 24.62
CA LEU G 11 -30.08 29.31 26.07
C LEU G 11 -31.12 28.23 26.36
N VAL G 12 -30.67 27.08 26.83
CA VAL G 12 -31.53 25.94 27.11
C VAL G 12 -31.21 25.42 28.51
N LYS G 13 -32.04 24.45 28.96
CA LYS G 13 -31.93 23.83 30.26
C LYS G 13 -31.01 22.63 30.21
N PRO G 14 -30.31 22.32 31.31
CA PRO G 14 -29.43 21.14 31.32
C PRO G 14 -30.22 19.86 31.13
N GLY G 15 -29.77 19.04 30.19
CA GLY G 15 -30.45 17.81 29.83
C GLY G 15 -31.27 17.90 28.57
N SER G 16 -31.42 19.08 27.99
CA SER G 16 -32.18 19.26 26.77
C SER G 16 -31.26 19.13 25.56
N SER G 17 -31.77 19.49 24.38
CA SER G 17 -31.00 19.41 23.15
C SER G 17 -31.10 20.73 22.40
N VAL G 18 -30.15 20.94 21.49
CA VAL G 18 -30.07 22.17 20.69
C VAL G 18 -29.61 21.79 19.29
N LYS G 19 -30.16 22.46 18.29
CA LYS G 19 -29.82 22.22 16.89
C LYS G 19 -29.23 23.50 16.30
N VAL G 20 -27.91 23.51 16.13
CA VAL G 20 -27.21 24.64 15.55
C VAL G 20 -27.16 24.46 14.04
N SER G 21 -27.23 25.58 13.32
CA SER G 21 -27.22 25.56 11.86
C SER G 21 -26.06 26.40 11.34
N CYS G 22 -25.80 26.28 10.05
CA CYS G 22 -24.68 26.98 9.40
C CYS G 22 -25.04 27.16 7.93
N LYS G 23 -25.54 28.34 7.57
CA LYS G 23 -26.00 28.62 6.22
C LYS G 23 -24.86 29.21 5.39
N ALA G 24 -24.61 28.60 4.23
CA ALA G 24 -23.55 29.04 3.34
C ALA G 24 -24.14 29.33 1.96
N SER G 25 -23.56 30.34 1.30
CA SER G 25 -24.02 30.75 -0.02
C SER G 25 -22.87 31.41 -0.76
N GLY G 26 -22.92 31.34 -2.09
CA GLY G 26 -21.91 31.92 -2.94
C GLY G 26 -21.03 30.94 -3.68
N TYR G 27 -21.33 29.64 -3.61
CA TYR G 27 -20.51 28.62 -4.26
C TYR G 27 -21.29 27.31 -4.26
N ALA G 28 -20.73 26.31 -4.94
CA ALA G 28 -21.33 24.97 -4.95
C ALA G 28 -21.15 24.33 -3.59
N PHE G 29 -22.27 24.00 -2.94
CA PHE G 29 -22.23 23.58 -1.54
C PHE G 29 -21.44 22.30 -1.33
N THR G 30 -21.34 21.46 -2.37
CA THR G 30 -20.67 20.16 -2.25
C THR G 30 -19.21 20.22 -2.69
N ASN G 31 -18.55 21.37 -2.51
CA ASN G 31 -17.16 21.53 -2.91
C ASN G 31 -16.20 21.53 -1.72
N TYR G 32 -16.61 22.06 -0.57
CA TYR G 32 -15.75 22.20 0.58
C TYR G 32 -16.33 21.41 1.75
N LYS G 33 -15.46 20.68 2.44
CA LYS G 33 -15.87 19.99 3.66
C LYS G 33 -16.06 20.97 4.80
N ALA G 34 -17.15 20.83 5.54
CA ALA G 34 -17.51 21.74 6.62
C ALA G 34 -17.29 21.05 7.96
N LEU G 35 -16.42 21.63 8.78
CA LEU G 35 -16.13 21.08 10.10
C LEU G 35 -17.04 21.72 11.14
N GLY G 36 -16.79 21.40 12.41
CA GLY G 36 -17.46 22.04 13.52
C GLY G 36 -16.51 22.18 14.69
N SER G 37 -16.35 23.40 15.19
CA SER G 37 -15.39 23.69 16.25
C SER G 37 -16.09 24.30 17.45
N LYS G 38 -15.52 24.09 18.62
CA LYS G 38 -16.02 24.63 19.87
C LYS G 38 -14.92 25.45 20.54
N GLN G 39 -15.26 26.67 20.95
CA GLN G 39 -14.32 27.57 21.60
C GLN G 39 -14.85 27.90 22.99
N SER G 40 -14.18 27.40 24.02
CA SER G 40 -14.58 27.65 25.40
C SER G 40 -14.23 29.09 25.77
N HIS G 41 -14.45 29.44 27.04
CA HIS G 41 -14.08 30.77 27.50
C HIS G 41 -12.57 30.98 27.51
N GLY G 42 -11.79 29.90 27.55
CA GLY G 42 -10.35 29.98 27.47
C GLY G 42 -9.80 30.17 26.08
N LYS G 43 -10.67 30.34 25.08
CA LYS G 43 -10.36 30.60 23.68
C LYS G 43 -9.69 29.41 22.98
N SER G 44 -9.47 28.29 23.67
CA SER G 44 -8.85 27.13 23.05
C SER G 44 -9.90 26.38 22.23
N LEU G 45 -9.65 26.25 20.93
CA LEU G 45 -10.61 25.60 20.05
C LEU G 45 -10.45 24.08 20.11
N GLU G 46 -11.54 23.39 19.80
CA GLU G 46 -11.57 21.93 19.86
C GLU G 46 -12.54 21.43 18.80
N TRP G 47 -12.05 20.64 17.86
CA TRP G 47 -12.90 20.17 16.77
C TRP G 47 -13.91 19.17 17.27
N ILE G 48 -15.11 19.23 16.73
CA ILE G 48 -16.19 18.31 17.06
C ILE G 48 -16.29 17.20 16.03
N GLY G 49 -16.30 17.56 14.75
CA GLY G 49 -16.38 16.59 13.66
C GLY G 49 -16.59 17.26 12.33
N TYR G 50 -16.33 16.54 11.24
CA TYR G 50 -16.52 17.06 9.90
C TYR G 50 -17.50 16.17 9.14
N ILE G 51 -17.97 16.68 8.01
CA ILE G 51 -18.91 15.94 7.17
C ILE G 51 -18.82 16.43 5.74
N ASP G 52 -18.69 15.50 4.79
CA ASP G 52 -18.60 15.84 3.38
C ASP G 52 -19.99 16.12 2.83
N PRO G 53 -20.27 17.32 2.34
CA PRO G 53 -21.63 17.61 1.86
C PRO G 53 -22.10 16.73 0.72
N TYR G 54 -21.17 16.06 0.02
CA TYR G 54 -21.57 15.17 -1.08
C TYR G 54 -22.12 13.85 -0.56
N ASN G 55 -21.29 13.11 0.20
CA ASN G 55 -21.68 11.80 0.71
C ASN G 55 -22.35 11.84 2.06
N SER G 56 -22.24 12.96 2.79
CA SER G 56 -22.59 13.02 4.21
C SER G 56 -21.76 12.03 5.01
N ASP G 57 -20.53 11.80 4.57
CA ASP G 57 -19.60 10.88 5.23
C ASP G 57 -18.94 11.61 6.37
N SER G 58 -19.50 11.46 7.57
CA SER G 58 -19.07 12.22 8.73
C SER G 58 -18.09 11.40 9.58
N SER G 59 -17.44 12.10 10.51
CA SER G 59 -16.49 11.48 11.43
C SER G 59 -16.39 12.36 12.66
N TYR G 60 -16.70 11.80 13.82
CA TYR G 60 -16.82 12.57 15.04
C TYR G 60 -15.61 12.41 15.95
N ASN G 61 -15.47 13.33 16.89
CA ASN G 61 -14.38 13.28 17.85
C ASN G 61 -14.59 12.15 18.84
N GLN G 62 -13.48 11.71 19.46
CA GLN G 62 -13.54 10.65 20.46
C GLN G 62 -14.23 11.10 21.75
N GLN G 63 -14.46 12.40 21.92
CA GLN G 63 -15.15 12.92 23.10
C GLN G 63 -16.57 13.36 22.81
N PHE G 64 -16.86 13.79 21.58
CA PHE G 64 -18.19 14.23 21.20
C PHE G 64 -18.92 13.20 20.33
N LYS G 65 -18.46 11.94 20.34
CA LYS G 65 -19.09 10.92 19.51
C LYS G 65 -20.48 10.58 20.03
N ASP G 66 -20.62 10.39 21.34
CA ASP G 66 -21.90 10.10 21.96
C ASP G 66 -22.62 11.35 22.44
N LYS G 67 -22.28 12.51 21.88
CA LYS G 67 -22.90 13.78 22.27
C LYS G 67 -23.33 14.64 21.11
N ALA G 68 -22.78 14.45 19.90
CA ALA G 68 -23.07 15.30 18.77
C ALA G 68 -23.51 14.45 17.58
N THR G 69 -24.14 15.12 16.61
CA THR G 69 -24.59 14.47 15.38
C THR G 69 -24.57 15.49 14.27
N LEU G 70 -23.87 15.17 13.18
CA LEU G 70 -23.72 16.07 12.05
C LEU G 70 -24.66 15.69 10.92
N THR G 71 -25.19 16.71 10.24
CA THR G 71 -26.14 16.50 9.16
C THR G 71 -25.99 17.63 8.15
N VAL G 72 -26.04 17.28 6.87
CA VAL G 72 -25.85 18.22 5.78
C VAL G 72 -27.09 18.19 4.89
N ASP G 73 -27.59 19.38 4.55
CA ASP G 73 -28.72 19.53 3.64
C ASP G 73 -28.18 20.07 2.33
N LYS G 74 -28.33 19.28 1.26
CA LYS G 74 -27.85 19.69 -0.06
C LYS G 74 -28.85 20.55 -0.81
N SER G 75 -30.12 20.56 -0.39
CA SER G 75 -31.12 21.38 -1.07
C SER G 75 -31.07 22.82 -0.56
N SER G 76 -31.10 23.00 0.76
CA SER G 76 -31.12 24.32 1.36
C SER G 76 -29.72 24.91 1.55
N SER G 77 -28.67 24.16 1.22
CA SER G 77 -27.29 24.65 1.29
C SER G 77 -26.93 25.07 2.71
N THR G 78 -27.22 24.20 3.68
CA THR G 78 -26.91 24.48 5.07
C THR G 78 -26.56 23.17 5.77
N ALA G 79 -25.78 23.28 6.84
CA ALA G 79 -25.39 22.16 7.67
C ALA G 79 -26.10 22.25 9.02
N TYR G 80 -25.88 21.23 9.85
CA TYR G 80 -26.53 21.18 11.15
C TYR G 80 -25.59 20.51 12.16
N MET G 81 -25.98 20.61 13.43
CA MET G 81 -25.26 19.93 14.50
C MET G 81 -26.18 19.84 15.70
N TYR G 82 -26.36 18.63 16.23
CA TYR G 82 -27.20 18.38 17.38
C TYR G 82 -26.32 18.12 18.60
N LEU G 83 -26.82 18.50 19.78
CA LEU G 83 -26.09 18.33 21.03
C LEU G 83 -27.07 17.85 22.09
N ASN G 84 -27.03 16.57 22.42
CA ASN G 84 -27.91 15.98 23.41
C ASN G 84 -27.18 15.78 24.73
N SER G 85 -27.96 15.56 25.78
CA SER G 85 -27.44 15.38 27.14
C SER G 85 -26.54 16.54 27.53
N LEU G 86 -27.11 17.74 27.44
CA LEU G 86 -26.34 18.96 27.70
C LEU G 86 -26.09 19.12 29.20
N THR G 87 -24.85 19.39 29.56
CA THR G 87 -24.45 19.64 30.93
C THR G 87 -23.79 21.01 31.03
N SER G 88 -23.50 21.43 32.27
CA SER G 88 -23.05 22.79 32.51
C SER G 88 -21.69 23.09 31.90
N GLU G 89 -20.89 22.07 31.60
CA GLU G 89 -19.57 22.27 31.02
C GLU G 89 -19.58 22.23 29.50
N ASP G 90 -20.76 22.28 28.88
CA ASP G 90 -20.90 22.32 27.42
C ASP G 90 -21.31 23.70 26.93
N SER G 91 -20.97 24.74 27.68
CA SER G 91 -21.32 26.12 27.34
C SER G 91 -20.11 26.78 26.67
N ALA G 92 -20.25 27.09 25.39
CA ALA G 92 -19.19 27.71 24.60
C ALA G 92 -19.81 28.23 23.32
N VAL G 93 -18.97 28.68 22.40
CA VAL G 93 -19.40 29.18 21.09
C VAL G 93 -18.97 28.16 20.03
N TYR G 94 -19.84 27.94 19.05
CA TYR G 94 -19.66 26.90 18.05
C TYR G 94 -19.50 27.54 16.67
N TYR G 95 -18.45 27.14 15.97
CA TYR G 95 -18.11 27.69 14.66
C TYR G 95 -18.41 26.70 13.55
N CYS G 96 -18.23 27.16 12.31
CA CYS G 96 -18.54 26.37 11.12
C CYS G 96 -17.58 26.80 10.02
N ALA G 97 -16.53 26.02 9.83
CA ALA G 97 -15.48 26.33 8.88
C ALA G 97 -15.73 25.61 7.56
N GLY G 98 -14.79 25.75 6.62
CA GLY G 98 -14.86 25.07 5.34
C GLY G 98 -13.48 24.80 4.79
N LEU G 99 -13.22 23.55 4.41
CA LEU G 99 -11.87 23.15 4.00
C LEU G 99 -11.62 23.51 2.54
N GLU G 100 -10.67 24.41 2.32
CA GLU G 100 -10.13 24.65 0.98
C GLU G 100 -9.18 23.51 0.61
N LEU G 101 -9.06 23.25 -0.69
CA LEU G 101 -8.24 22.14 -1.17
C LEU G 101 -6.77 22.27 -0.78
N THR G 102 -6.35 23.41 -0.25
CA THR G 102 -4.97 23.59 0.21
C THR G 102 -4.77 23.10 1.64
N GLY G 103 -5.80 22.59 2.28
CA GLY G 103 -5.69 22.11 3.64
C GLY G 103 -5.89 23.14 4.72
N THR G 104 -6.60 24.23 4.43
CA THR G 104 -6.83 25.30 5.38
C THR G 104 -8.29 25.71 5.35
N LEU G 105 -8.69 26.49 6.35
CA LEU G 105 -10.07 26.97 6.47
C LEU G 105 -10.11 28.47 6.19
N PRO G 106 -10.44 28.90 4.97
CA PRO G 106 -10.49 30.34 4.68
C PRO G 106 -11.80 30.99 5.09
N TYR G 107 -12.89 30.23 5.07
CA TYR G 107 -14.21 30.73 5.43
C TYR G 107 -14.65 30.17 6.77
N TRP G 108 -15.02 31.05 7.69
CA TRP G 108 -15.59 30.67 8.97
C TRP G 108 -17.01 31.23 9.08
N GLY G 109 -17.70 30.79 10.12
CA GLY G 109 -19.02 31.32 10.44
C GLY G 109 -18.92 32.66 11.14
N GLN G 110 -19.89 32.92 12.01
CA GLN G 110 -19.91 34.16 12.79
C GLN G 110 -20.08 33.93 14.28
N GLY G 111 -20.20 32.69 14.72
CA GLY G 111 -20.30 32.39 16.13
C GLY G 111 -21.73 32.09 16.56
N THR G 112 -21.86 31.18 17.52
CA THR G 112 -23.16 30.84 18.10
C THR G 112 -22.91 30.49 19.56
N LEU G 113 -23.21 31.44 20.45
CA LEU G 113 -23.00 31.24 21.88
C LEU G 113 -24.14 30.40 22.45
N VAL G 114 -23.79 29.27 23.06
CA VAL G 114 -24.77 28.38 23.69
C VAL G 114 -24.45 28.32 25.18
N THR G 115 -25.43 28.62 26.01
CA THR G 115 -25.29 28.59 27.46
C THR G 115 -26.38 27.73 28.06
N VAL G 116 -26.02 26.95 29.07
CA VAL G 116 -26.96 26.09 29.78
C VAL G 116 -26.91 26.44 31.26
N SER G 117 -28.08 26.60 31.86
CA SER G 117 -28.20 26.95 33.27
C SER G 117 -29.66 26.72 33.68
N ALA G 118 -29.95 26.98 34.95
CA ALA G 118 -31.30 26.85 35.46
C ALA G 118 -31.72 28.12 36.20
N PHE H 1 12.29 8.25 5.72
CA PHE H 1 11.94 7.07 6.51
C PHE H 1 10.60 6.51 6.08
N TYR H 2 10.64 5.45 5.29
CA TYR H 2 9.42 4.79 4.81
C TYR H 2 9.24 3.46 5.52
N ASP H 3 7.98 3.11 5.77
CA ASP H 3 7.66 1.86 6.41
C ASP H 3 8.14 0.69 5.55
N ALA H 4 8.99 -0.16 6.12
CA ALA H 4 9.54 -1.29 5.37
C ALA H 4 8.60 -2.47 5.29
N ARG H 5 7.51 -2.48 6.03
CA ARG H 5 6.59 -3.61 6.05
C ARG H 5 5.86 -3.78 4.71
N PRO H 6 5.39 -2.71 4.04
CA PRO H 6 4.82 -2.90 2.71
C PRO H 6 5.87 -3.16 1.64
N VAL H 7 7.06 -2.57 1.81
CA VAL H 7 8.14 -2.77 0.84
C VAL H 7 8.70 -4.18 0.93
N ILE H 8 8.65 -4.79 2.12
CA ILE H 8 9.09 -6.17 2.27
C ILE H 8 8.05 -7.14 1.74
N GLU H 9 6.77 -6.89 2.05
CA GLU H 9 5.71 -7.73 1.52
C GLU H 9 5.57 -7.59 0.01
N LEU H 10 6.18 -6.56 -0.60
CA LEU H 10 6.07 -6.37 -2.03
C LEU H 10 7.02 -7.28 -2.79
N ILE H 11 8.23 -7.48 -2.28
CA ILE H 11 9.22 -8.29 -2.98
C ILE H 11 9.07 -9.78 -2.67
N LEU H 12 8.57 -10.13 -1.48
CA LEU H 12 8.40 -11.53 -1.13
C LEU H 12 7.14 -12.13 -1.75
N SER H 13 6.09 -11.34 -1.91
CA SER H 13 4.83 -11.85 -2.43
C SER H 13 4.98 -12.22 -3.91
N LYS H 14 4.30 -13.29 -4.31
CA LYS H 14 4.31 -13.78 -5.68
C LYS H 14 5.73 -14.10 -6.15
#